data_3SGJ
#
_entry.id   3SGJ
#
_cell.length_a   66.654
_cell.length_b   88.478
_cell.length_c   140.29
_cell.angle_alpha   90.00
_cell.angle_beta   90.00
_cell.angle_gamma   90.00
#
_symmetry.space_group_name_H-M   'P 21 21 21'
#
loop_
_entity.id
_entity.type
_entity.pdbx_description
1 polymer 'human Fc fragment'
2 polymer 'human Fcg3a receptor'
3 branched 2-acetamido-2-deoxy-beta-D-glucopyranose-(1-2)-alpha-D-mannopyranose-(1-3)-[2-acetamido-2-deoxy-beta-D-glucopyranose-(1-2)-alpha-D-mannopyranose-(1-6)]beta-D-mannopyranose-(1-4)-2-acetamido-2-deoxy-beta-D-glucopyranose-(1-4)-[alpha-L-fucopyranose-(1-6)]2-acetamido-2-deoxy-beta-D-glucopyranose
4 branched alpha-D-mannopyranose-(1-3)-[alpha-D-mannopyranose-(1-6)]beta-D-mannopyranose-(1-4)-2-acetamido-2-deoxy-beta-D-glucopyranose-(1-4)-2-acetamido-2-deoxy-beta-D-glucopyranose
5 branched 2-acetamido-2-deoxy-beta-D-glucopyranose-(1-4)-2-acetamido-2-deoxy-beta-D-glucopyranose
6 non-polymer 'MALONATE ION'
7 water water
#
loop_
_entity_poly.entity_id
_entity_poly.type
_entity_poly.pdbx_seq_one_letter_code
_entity_poly.pdbx_strand_id
1 'polypeptide(L)'
;THTCPPCPAPELLGGPSVFLFPPKPKDTLMISRTPEVTCVVVDVSHEDPEVKFNWYVDGVEVHNAKTKPREEQYNSTYRV
VSVLTVLHQDWLNGKEYKCKVSNKALPAPIEKTISKAKGQPREPQVYTLPPSRDELTKNQVSLTCLVKGFYPSDIAVEWE
SNGQPENNYKTTPPVLDSDGSFFLYSKLTVDKSRWQQGNVFSCSVMHEALHNHYTQKSLSLSPGK
;
A,B
2 'polypeptide(L)'
;RTEDLPKAVVFLEPQWYRVLEKDSVTLKCQGAYSPEDQSTQWFHNESLISSQASSYFIDAATVDDSGEYRCQTQLSTLSD
PVQLEVHIGWLLLQAPRWVFKEEDPIHLRCHSWKNTALHKVTYLQNGKGRKYFHHNSDFYIPKATLKDSGSYFCRGLVGS
KNVSSETVQITITQGLAVSTISSFFPPGYQGKKKKKKGHHHHHH
;
C
#
loop_
_chem_comp.id
_chem_comp.type
_chem_comp.name
_chem_comp.formula
BMA D-saccharide, beta linking beta-D-mannopyranose 'C6 H12 O6'
FUC L-saccharide, alpha linking alpha-L-fucopyranose 'C6 H12 O5'
MAN D-saccharide, alpha linking alpha-D-mannopyranose 'C6 H12 O6'
MLI non-polymer 'MALONATE ION' 'C3 H2 O4 -2'
NAG D-saccharide, beta linking 2-acetamido-2-deoxy-beta-D-glucopyranose 'C8 H15 N O6'
#
# COMPACT_ATOMS: atom_id res chain seq x y z
N CYS A 4 -27.96 1.48 -20.14
CA CYS A 4 -26.86 1.02 -19.24
C CYS A 4 -25.47 1.48 -19.75
N PRO A 5 -24.59 1.96 -18.84
CA PRO A 5 -23.30 2.54 -19.21
C PRO A 5 -22.28 1.52 -19.75
N PRO A 6 -21.35 1.97 -20.62
CA PRO A 6 -20.29 1.07 -21.08
C PRO A 6 -19.26 0.84 -19.97
N CYS A 7 -18.66 -0.34 -19.95
CA CYS A 7 -17.75 -0.74 -18.87
C CYS A 7 -16.28 -0.64 -19.32
N PRO A 8 -15.34 -0.42 -18.35
CA PRO A 8 -13.93 -0.47 -18.74
C PRO A 8 -13.55 -1.87 -19.23
N ALA A 9 -12.89 -1.95 -20.39
CA ALA A 9 -12.45 -3.24 -20.93
C ALA A 9 -11.18 -3.76 -20.22
N PRO A 10 -10.96 -5.08 -20.27
CA PRO A 10 -9.72 -5.62 -19.67
C PRO A 10 -8.42 -5.25 -20.42
N GLU A 11 -8.54 -4.68 -21.62
CA GLU A 11 -7.37 -4.24 -22.39
C GLU A 11 -6.68 -3.04 -21.75
N LEU A 12 -7.45 -2.29 -20.96
CA LEU A 12 -6.94 -1.20 -20.12
C LEU A 12 -5.94 -1.70 -19.07
N LEU A 13 -6.06 -2.97 -18.68
CA LEU A 13 -5.25 -3.54 -17.61
C LEU A 13 -3.79 -3.85 -17.98
N GLY A 14 -3.54 -4.18 -19.24
CA GLY A 14 -2.18 -4.41 -19.72
C GLY A 14 -1.79 -3.42 -20.78
N GLY A 15 -1.08 -2.37 -20.36
CA GLY A 15 -0.67 -1.32 -21.27
C GLY A 15 0.00 -0.34 -20.34
N PRO A 16 0.64 0.70 -20.90
CA PRO A 16 1.29 1.67 -20.03
C PRO A 16 0.26 2.37 -19.16
N SER A 17 0.71 2.87 -18.01
CA SER A 17 -0.16 3.59 -17.08
C SER A 17 0.34 5.02 -16.95
N VAL A 18 -0.58 5.92 -16.64
CA VAL A 18 -0.30 7.36 -16.60
C VAL A 18 -0.68 7.97 -15.24
N PHE A 19 0.22 8.80 -14.71
CA PHE A 19 0.00 9.52 -13.46
C PHE A 19 0.31 10.99 -13.66
N LEU A 20 -0.66 11.83 -13.31
CA LEU A 20 -0.54 13.24 -13.57
C LEU A 20 -0.46 13.97 -12.27
N PHE A 21 0.62 14.74 -12.09
CA PHE A 21 0.94 15.37 -10.81
C PHE A 21 0.79 16.89 -10.81
N PRO A 22 0.12 17.45 -9.77
CA PRO A 22 -0.03 18.90 -9.64
C PRO A 22 1.31 19.55 -9.35
N PRO A 23 1.40 20.88 -9.46
CA PRO A 23 2.66 21.54 -9.04
C PRO A 23 2.78 21.59 -7.52
N LYS A 24 4.00 21.76 -7.00
CA LYS A 24 4.20 21.97 -5.56
C LYS A 24 3.47 23.27 -5.16
N PRO A 25 2.76 23.27 -4.01
CA PRO A 25 2.05 24.51 -3.67
C PRO A 25 2.96 25.75 -3.53
N LYS A 26 4.15 25.59 -2.96
CA LYS A 26 5.10 26.67 -2.87
C LYS A 26 5.43 27.28 -4.25
N ASP A 27 5.52 26.41 -5.26
CA ASP A 27 5.84 26.84 -6.63
C ASP A 27 4.75 27.70 -7.27
N THR A 28 3.50 27.41 -7.00
CA THR A 28 2.41 28.22 -7.55
C THR A 28 2.22 29.57 -6.86
N LEU A 29 2.83 29.74 -5.69
CA LEU A 29 2.58 30.94 -4.86
C LEU A 29 3.67 32.00 -4.93
N MET A 30 4.89 31.57 -5.21
CA MET A 30 6.07 32.46 -5.15
C MET A 30 6.62 32.82 -6.53
N ILE A 31 6.84 34.12 -6.73
CA ILE A 31 7.30 34.69 -7.99
C ILE A 31 8.61 34.09 -8.49
N SER A 32 9.51 33.77 -7.58
CA SER A 32 10.83 33.28 -7.97
C SER A 32 10.81 31.81 -8.42
N ARG A 33 9.67 31.16 -8.30
CA ARG A 33 9.51 29.76 -8.68
C ARG A 33 8.78 29.53 -9.98
N THR A 34 9.01 28.37 -10.58
CA THR A 34 8.30 28.01 -11.80
C THR A 34 7.50 26.72 -11.57
N PRO A 35 6.18 26.84 -11.35
CA PRO A 35 5.35 25.66 -11.13
C PRO A 35 5.23 24.80 -12.39
N GLU A 36 5.13 23.49 -12.18
CA GLU A 36 5.12 22.52 -13.28
C GLU A 36 4.05 21.47 -13.05
N VAL A 37 3.41 21.07 -14.14
CA VAL A 37 2.54 19.90 -14.16
C VAL A 37 3.32 18.75 -14.81
N THR A 38 3.35 17.62 -14.12
CA THR A 38 4.15 16.48 -14.57
C THR A 38 3.27 15.27 -14.92
N CYS A 39 3.38 14.84 -16.17
CA CYS A 39 2.71 13.62 -16.67
C CYS A 39 3.72 12.49 -16.79
N VAL A 40 3.54 11.46 -15.97
CA VAL A 40 4.45 10.32 -15.91
C VAL A 40 3.80 9.09 -16.53
N VAL A 41 4.49 8.49 -17.50
CA VAL A 41 4.01 7.25 -18.12
C VAL A 41 4.90 6.09 -17.68
N VAL A 42 4.31 5.08 -17.08
CA VAL A 42 5.06 3.88 -16.67
C VAL A 42 4.59 2.63 -17.39
N ASP A 43 5.38 1.55 -17.29
CA ASP A 43 5.05 0.27 -17.90
C ASP A 43 4.97 0.35 -19.45
N VAL A 44 5.87 1.14 -20.01
CA VAL A 44 6.10 1.20 -21.43
C VAL A 44 7.03 0.05 -21.83
N SER A 45 6.59 -0.77 -22.78
CA SER A 45 7.36 -1.93 -23.18
C SER A 45 8.54 -1.54 -24.08
N HIS A 46 9.50 -2.45 -24.19
CA HIS A 46 10.62 -2.29 -25.12
C HIS A 46 10.17 -2.54 -26.53
N GLU A 47 9.09 -3.32 -26.67
CA GLU A 47 8.54 -3.67 -27.95
C GLU A 47 7.78 -2.49 -28.61
N ASP A 48 7.08 -1.71 -27.80
CA ASP A 48 6.33 -0.55 -28.28
C ASP A 48 6.67 0.68 -27.46
N PRO A 49 7.89 1.23 -27.65
CA PRO A 49 8.42 2.24 -26.73
C PRO A 49 8.03 3.68 -27.02
N GLU A 50 7.53 3.99 -28.22
CA GLU A 50 7.23 5.39 -28.58
C GLU A 50 6.03 5.91 -27.81
N VAL A 51 6.21 7.06 -27.15
CA VAL A 51 5.15 7.69 -26.41
C VAL A 51 4.91 9.10 -26.95
N LYS A 52 3.66 9.39 -27.29
CA LYS A 52 3.29 10.73 -27.73
C LYS A 52 2.43 11.41 -26.67
N PHE A 53 2.76 12.68 -26.39
CA PHE A 53 1.98 13.53 -25.48
C PHE A 53 1.31 14.63 -26.23
N ASN A 54 0.05 14.92 -25.88
CA ASN A 54 -0.63 16.18 -26.14
C ASN A 54 -1.10 16.80 -24.82
N TRP A 55 -0.99 18.12 -24.73
CA TRP A 55 -1.34 18.86 -23.55
C TRP A 55 -2.36 19.88 -23.84
N TYR A 56 -3.31 20.04 -22.92
CA TYR A 56 -4.36 21.05 -23.10
C TYR A 56 -4.53 21.83 -21.79
N VAL A 57 -4.81 23.12 -21.94
CA VAL A 57 -5.13 24.01 -20.82
C VAL A 57 -6.51 24.52 -21.13
N ASP A 58 -7.50 24.17 -20.32
CA ASP A 58 -8.93 24.35 -20.65
C ASP A 58 -9.27 23.98 -22.08
N GLY A 59 -8.94 22.77 -22.51
CA GLY A 59 -9.29 22.32 -23.86
C GLY A 59 -8.48 22.88 -25.02
N VAL A 60 -7.62 23.87 -24.78
CA VAL A 60 -6.80 24.38 -25.87
C VAL A 60 -5.38 23.82 -25.89
N GLU A 61 -4.98 23.23 -26.99
CA GLU A 61 -3.70 22.55 -27.05
C GLU A 61 -2.51 23.51 -26.83
N VAL A 62 -1.56 23.09 -25.99
CA VAL A 62 -0.30 23.81 -25.88
C VAL A 62 0.86 22.93 -26.31
N HIS A 63 1.93 23.55 -26.81
CA HIS A 63 3.06 22.84 -27.43
C HIS A 63 4.39 23.06 -26.76
N ASN A 64 4.41 23.60 -25.56
CA ASN A 64 5.68 23.97 -24.96
C ASN A 64 6.11 23.00 -23.85
N ALA A 65 5.41 21.87 -23.74
CA ALA A 65 5.77 20.82 -22.79
C ALA A 65 7.12 20.24 -23.16
N LYS A 66 7.90 19.88 -22.15
CA LYS A 66 9.23 19.31 -22.36
C LYS A 66 9.25 17.83 -21.97
N THR A 67 9.36 16.98 -22.99
CA THR A 67 9.39 15.52 -22.82
C THR A 67 10.81 15.07 -22.54
N LYS A 68 11.01 14.34 -21.44
CA LYS A 68 12.35 13.89 -21.06
C LYS A 68 12.67 12.63 -21.84
N PRO A 69 13.96 12.32 -22.06
CA PRO A 69 14.26 11.04 -22.73
C PRO A 69 13.81 9.84 -21.86
N ARG A 70 13.32 8.78 -22.48
CA ARG A 70 12.86 7.62 -21.67
C ARG A 70 13.95 7.01 -20.78
N GLU A 71 13.55 6.49 -19.63
CA GLU A 71 14.48 5.92 -18.67
C GLU A 71 14.20 4.42 -18.58
N GLU A 72 15.25 3.62 -18.73
CA GLU A 72 15.18 2.18 -18.55
C GLU A 72 15.04 1.93 -17.06
N GLN A 73 13.95 1.29 -16.64
CA GLN A 73 13.78 0.88 -15.24
C GLN A 73 14.44 -0.48 -14.94
N TYR A 74 14.73 -0.73 -13.66
CA TYR A 74 15.32 -1.99 -13.22
C TYR A 74 14.45 -3.19 -13.59
N ASN A 75 13.13 -2.97 -13.61
CA ASN A 75 12.19 -4.02 -13.98
C ASN A 75 11.99 -4.24 -15.49
N SER A 76 12.84 -3.61 -16.30
CA SER A 76 12.83 -3.88 -17.74
C SER A 76 11.69 -3.17 -18.47
N THR A 77 11.02 -2.22 -17.83
CA THR A 77 10.09 -1.31 -18.51
C THR A 77 10.80 0.03 -18.76
N TYR A 78 10.18 0.86 -19.61
CA TYR A 78 10.52 2.26 -19.75
C TYR A 78 9.61 3.16 -18.95
N ARG A 79 10.13 4.33 -18.59
CA ARG A 79 9.33 5.36 -17.93
C ARG A 79 9.60 6.66 -18.69
N VAL A 80 8.53 7.35 -19.09
CA VAL A 80 8.68 8.56 -19.91
C VAL A 80 7.92 9.68 -19.24
N VAL A 81 8.60 10.82 -19.08
CA VAL A 81 8.06 11.95 -18.36
C VAL A 81 7.89 13.16 -19.30
N SER A 82 6.76 13.83 -19.20
CA SER A 82 6.60 15.09 -19.88
C SER A 82 6.19 16.16 -18.87
N VAL A 83 6.90 17.28 -18.89
CA VAL A 83 6.72 18.34 -17.91
C VAL A 83 6.13 19.59 -18.56
N LEU A 84 4.99 20.09 -18.06
CA LEU A 84 4.43 21.34 -18.60
C LEU A 84 4.57 22.45 -17.57
N THR A 85 5.38 23.45 -17.90
CA THR A 85 5.53 24.63 -17.05
C THR A 85 4.23 25.44 -17.09
N VAL A 86 3.79 25.90 -15.93
CA VAL A 86 2.50 26.58 -15.88
C VAL A 86 2.65 28.00 -15.35
N LEU A 87 1.68 28.85 -15.73
CA LEU A 87 1.55 30.15 -15.18
C LEU A 87 0.87 30.01 -13.82
N HIS A 88 1.48 30.59 -12.77
CA HIS A 88 0.89 30.60 -11.44
C HIS A 88 -0.58 30.95 -11.48
N GLN A 89 -0.92 32.04 -12.16
CA GLN A 89 -2.31 32.52 -12.17
C GLN A 89 -3.29 31.60 -12.85
N ASP A 90 -2.85 30.99 -13.94
CA ASP A 90 -3.63 29.95 -14.63
C ASP A 90 -3.98 28.87 -13.61
N TRP A 91 -2.99 28.30 -12.96
CA TRP A 91 -3.28 27.28 -11.95
C TRP A 91 -4.24 27.82 -10.90
N LEU A 92 -3.91 28.97 -10.33
CA LEU A 92 -4.71 29.52 -9.26
C LEU A 92 -6.13 29.89 -9.65
N ASN A 93 -6.37 30.25 -10.91
CA ASN A 93 -7.72 30.49 -11.37
C ASN A 93 -8.51 29.25 -11.77
N GLY A 94 -7.98 28.07 -11.48
CA GLY A 94 -8.72 26.83 -11.66
C GLY A 94 -8.82 26.27 -13.07
N LYS A 95 -7.93 26.71 -13.97
CA LYS A 95 -7.82 26.15 -15.30
C LYS A 95 -7.43 24.68 -15.19
N GLU A 96 -7.94 23.89 -16.12
CA GLU A 96 -7.77 22.45 -16.11
C GLU A 96 -6.61 22.09 -17.03
N TYR A 97 -5.74 21.20 -16.55
CA TYR A 97 -4.63 20.70 -17.36
C TYR A 97 -4.87 19.25 -17.77
N LYS A 98 -4.87 19.02 -19.09
CA LYS A 98 -5.01 17.67 -19.61
C LYS A 98 -3.71 17.18 -20.26
N CYS A 99 -3.28 16.00 -19.83
CA CYS A 99 -2.22 15.28 -20.47
C CYS A 99 -2.87 14.10 -21.23
N LYS A 100 -2.63 14.01 -22.52
CA LYS A 100 -3.13 12.89 -23.31
C LYS A 100 -1.97 12.08 -23.84
N VAL A 101 -2.00 10.78 -23.57
CA VAL A 101 -0.90 9.86 -23.85
C VAL A 101 -1.30 8.81 -24.87
N SER A 102 -0.52 8.72 -25.94
CA SER A 102 -0.73 7.77 -27.02
C SER A 102 0.46 6.82 -27.13
N ASN A 103 0.14 5.55 -27.43
CA ASN A 103 1.13 4.47 -27.51
C ASN A 103 0.49 3.28 -28.24
N LYS A 104 1.27 2.59 -29.07
CA LYS A 104 0.75 1.41 -29.80
C LYS A 104 0.09 0.35 -28.90
N ALA A 105 0.53 0.18 -27.66
CA ALA A 105 -0.06 -0.88 -26.83
C ALA A 105 -1.43 -0.52 -26.28
N LEU A 106 -1.84 0.74 -26.45
CA LEU A 106 -3.15 1.25 -26.04
C LEU A 106 -4.12 1.35 -27.21
N PRO A 107 -5.35 0.82 -27.05
CA PRO A 107 -6.31 0.89 -28.15
C PRO A 107 -6.77 2.33 -28.39
N ALA A 108 -6.79 3.15 -27.34
CA ALA A 108 -7.13 4.57 -27.42
C ALA A 108 -6.22 5.35 -26.50
N PRO A 109 -6.04 6.67 -26.73
CA PRO A 109 -5.17 7.41 -25.81
C PRO A 109 -5.73 7.45 -24.38
N ILE A 110 -4.84 7.54 -23.39
CA ILE A 110 -5.24 7.76 -21.99
C ILE A 110 -5.22 9.26 -21.71
N GLU A 111 -6.31 9.80 -21.20
CA GLU A 111 -6.37 11.21 -20.80
C GLU A 111 -6.47 11.35 -19.31
N LYS A 112 -5.57 12.14 -18.72
CA LYS A 112 -5.69 12.56 -17.33
C LYS A 112 -5.87 14.07 -17.31
N THR A 113 -6.70 14.57 -16.40
CA THR A 113 -6.84 15.99 -16.20
C THR A 113 -6.67 16.29 -14.72
N ILE A 114 -6.00 17.40 -14.42
CA ILE A 114 -5.85 17.90 -13.06
C ILE A 114 -6.13 19.42 -13.04
N SER A 115 -6.59 19.91 -11.88
CA SER A 115 -6.70 21.32 -11.60
C SER A 115 -6.69 21.53 -10.09
N LYS A 116 -6.66 22.79 -9.66
CA LYS A 116 -6.65 23.13 -8.25
C LYS A 116 -8.01 22.77 -7.63
N ALA A 117 -8.02 22.41 -6.35
CA ALA A 117 -9.27 22.13 -5.62
C ALA A 117 -10.19 23.33 -5.72
N LYS A 118 -11.46 23.06 -5.97
CA LYS A 118 -12.48 24.11 -6.09
C LYS A 118 -12.98 24.52 -4.74
N GLY A 119 -13.64 25.66 -4.67
CA GLY A 119 -14.18 26.18 -3.41
C GLY A 119 -13.60 27.53 -3.05
N GLN A 120 -14.40 28.28 -2.29
CA GLN A 120 -14.02 29.57 -1.73
C GLN A 120 -12.69 29.54 -0.96
N PRO A 121 -11.65 30.20 -1.49
CA PRO A 121 -10.41 30.25 -0.72
C PRO A 121 -10.62 30.95 0.64
N ARG A 122 -9.92 30.49 1.67
CA ARG A 122 -10.01 31.12 2.99
C ARG A 122 -8.61 31.39 3.52
N GLU A 123 -8.43 32.61 4.03
CA GLU A 123 -7.16 33.04 4.57
C GLU A 123 -6.84 32.35 5.89
N PRO A 124 -5.62 31.83 6.03
CA PRO A 124 -5.28 31.22 7.30
C PRO A 124 -4.86 32.23 8.35
N GLN A 125 -5.10 31.86 9.60
CA GLN A 125 -4.65 32.59 10.75
C GLN A 125 -3.40 31.85 11.23
N VAL A 126 -2.32 32.57 11.48
CA VAL A 126 -1.02 31.99 11.86
C VAL A 126 -0.61 32.43 13.27
N TYR A 127 -0.37 31.46 14.16
CA TYR A 127 -0.03 31.76 15.56
C TYR A 127 1.13 30.90 16.04
N THR A 128 2.15 31.54 16.60
CA THR A 128 3.27 30.81 17.16
C THR A 128 3.07 30.71 18.66
N LEU A 129 3.43 29.55 19.22
CA LEU A 129 3.27 29.29 20.64
C LEU A 129 4.62 28.84 21.23
N PRO A 130 5.06 29.47 22.33
CA PRO A 130 6.33 29.03 22.93
C PRO A 130 6.18 27.66 23.62
N PRO A 131 7.31 27.03 24.01
CA PRO A 131 7.20 25.75 24.71
C PRO A 131 6.47 25.91 26.04
N SER A 132 5.77 24.86 26.48
CA SER A 132 5.22 24.81 27.84
C SER A 132 6.37 25.00 28.83
N ARG A 133 6.07 25.56 30.01
CA ARG A 133 7.07 25.65 31.09
C ARG A 133 7.61 24.24 31.42
N ASP A 134 6.71 23.25 31.39
CA ASP A 134 7.00 21.84 31.68
C ASP A 134 8.06 21.22 30.79
N GLU A 135 8.17 21.68 29.54
CA GLU A 135 9.14 21.12 28.61
C GLU A 135 10.56 21.63 28.89
N LEU A 136 10.64 22.70 29.69
CA LEU A 136 11.93 23.32 30.03
C LEU A 136 12.86 22.41 30.82
N THR A 137 12.32 21.36 31.43
CA THR A 137 13.12 20.35 32.12
C THR A 137 13.83 19.42 31.12
N LYS A 138 13.39 19.46 29.85
CA LYS A 138 13.90 18.65 28.75
C LYS A 138 15.09 19.33 28.08
N ASN A 139 15.91 18.57 27.35
CA ASN A 139 17.03 19.16 26.60
C ASN A 139 16.68 19.93 25.32
N GLN A 140 15.59 19.53 24.68
CA GLN A 140 15.14 20.12 23.44
C GLN A 140 13.73 20.67 23.68
N VAL A 141 13.41 21.81 23.10
CA VAL A 141 12.08 22.36 23.28
C VAL A 141 11.28 22.39 21.98
N SER A 142 9.96 22.53 22.10
CA SER A 142 9.09 22.56 20.94
C SER A 142 8.59 23.98 20.71
N LEU A 143 8.81 24.47 19.49
CA LEU A 143 8.19 25.73 19.05
C LEU A 143 7.05 25.35 18.14
N THR A 144 5.88 25.90 18.43
CA THR A 144 4.63 25.48 17.78
C THR A 144 4.07 26.56 16.86
N CYS A 145 3.76 26.17 15.61
CA CYS A 145 3.09 27.07 14.68
C CYS A 145 1.71 26.52 14.36
N LEU A 146 0.67 27.18 14.83
CA LEU A 146 -0.69 26.83 14.52
C LEU A 146 -1.09 27.63 13.30
N VAL A 147 -1.52 26.93 12.25
CA VAL A 147 -2.09 27.57 11.07
C VAL A 147 -3.51 27.05 10.96
N LYS A 148 -4.48 27.95 10.91
CA LYS A 148 -5.90 27.54 10.92
C LYS A 148 -6.77 28.37 10.01
N GLY A 149 -7.84 27.74 9.53
CA GLY A 149 -8.87 28.47 8.78
C GLY A 149 -8.52 28.66 7.32
N PHE A 150 -7.58 27.87 6.81
CA PHE A 150 -7.21 27.94 5.40
C PHE A 150 -7.99 26.99 4.51
N TYR A 151 -8.29 27.46 3.30
CA TYR A 151 -8.90 26.66 2.25
C TYR A 151 -8.37 27.21 0.92
N PRO A 152 -8.00 26.34 -0.05
CA PRO A 152 -7.92 24.89 -0.03
C PRO A 152 -6.76 24.44 0.84
N SER A 153 -6.55 23.12 0.92
CA SER A 153 -5.58 22.55 1.84
C SER A 153 -4.11 22.77 1.41
N ASP A 154 -3.91 23.22 0.16
CA ASP A 154 -2.58 23.41 -0.38
C ASP A 154 -1.89 24.61 0.30
N ILE A 155 -0.75 24.33 0.89
CA ILE A 155 -0.09 25.22 1.82
C ILE A 155 1.34 24.79 1.97
N ALA A 156 2.24 25.72 2.28
CA ALA A 156 3.63 25.42 2.60
C ALA A 156 3.98 26.11 3.90
N VAL A 157 4.68 25.41 4.79
CA VAL A 157 5.02 25.96 6.10
C VAL A 157 6.49 25.70 6.35
N GLU A 158 7.22 26.74 6.73
CA GLU A 158 8.68 26.65 6.93
C GLU A 158 9.11 27.37 8.17
N TRP A 159 10.37 27.17 8.56
CA TRP A 159 10.92 27.74 9.78
C TRP A 159 12.27 28.34 9.53
N GLU A 160 12.53 29.47 10.18
CA GLU A 160 13.85 30.07 10.07
C GLU A 160 14.23 30.83 11.33
N SER A 161 15.53 31.08 11.47
CA SER A 161 16.08 31.93 12.50
C SER A 161 17.26 32.65 11.89
N ASN A 162 17.32 33.97 12.08
CA ASN A 162 18.34 34.81 11.46
C ASN A 162 18.51 34.48 9.98
N GLY A 163 17.42 34.66 9.22
CA GLY A 163 17.42 34.46 7.77
C GLY A 163 17.76 33.06 7.27
N GLN A 164 18.26 32.21 8.16
CA GLN A 164 18.72 30.87 7.81
C GLN A 164 17.60 29.84 8.07
N PRO A 165 17.38 28.91 7.12
CA PRO A 165 16.35 27.89 7.28
C PRO A 165 16.70 26.87 8.36
N GLU A 166 15.68 26.45 9.10
CA GLU A 166 15.81 25.44 10.15
C GLU A 166 15.39 24.11 9.58
N ASN A 167 16.09 23.04 9.94
CA ASN A 167 15.79 21.73 9.34
C ASN A 167 14.95 20.81 10.21
N ASN A 168 15.07 20.95 11.53
CA ASN A 168 14.47 20.03 12.46
C ASN A 168 13.03 20.41 12.88
N TYR A 169 12.12 20.43 11.90
CA TYR A 169 10.69 20.60 12.19
C TYR A 169 9.87 19.54 11.45
N LYS A 170 8.65 19.32 11.93
CA LYS A 170 7.70 18.41 11.34
C LYS A 170 6.36 19.11 11.35
N THR A 171 5.61 18.95 10.26
CA THR A 171 4.31 19.55 10.14
C THR A 171 3.28 18.46 9.97
N THR A 172 2.14 18.60 10.64
CA THR A 172 1.11 17.59 10.56
C THR A 172 0.41 17.72 9.20
N PRO A 173 -0.26 16.65 8.74
CA PRO A 173 -1.15 16.79 7.58
C PRO A 173 -2.19 17.86 7.89
N PRO A 174 -2.80 18.47 6.85
CA PRO A 174 -3.92 19.34 7.11
C PRO A 174 -5.06 18.52 7.66
N VAL A 175 -5.78 19.10 8.61
CA VAL A 175 -6.90 18.42 9.22
C VAL A 175 -8.14 19.26 8.96
N LEU A 176 -9.21 18.59 8.55
CA LEU A 176 -10.48 19.27 8.29
C LEU A 176 -11.07 19.73 9.62
N ASP A 177 -11.39 21.00 9.72
CA ASP A 177 -12.03 21.50 10.90
C ASP A 177 -13.55 21.52 10.75
N SER A 178 -14.25 21.90 11.83
CA SER A 178 -15.73 21.94 11.86
C SER A 178 -16.35 22.84 10.82
N ASP A 179 -15.73 24.00 10.58
CA ASP A 179 -16.26 25.03 9.70
C ASP A 179 -15.92 24.74 8.23
N GLY A 180 -15.43 23.55 7.93
CA GLY A 180 -15.04 23.21 6.57
C GLY A 180 -13.68 23.72 6.14
N SER A 181 -13.03 24.55 6.97
CA SER A 181 -11.64 24.96 6.70
C SER A 181 -10.69 23.87 7.19
N PHE A 182 -9.40 24.01 6.86
CA PHE A 182 -8.35 23.13 7.38
C PHE A 182 -7.52 23.85 8.44
N PHE A 183 -6.85 23.07 9.30
CA PHE A 183 -5.80 23.65 10.12
C PHE A 183 -4.68 22.64 10.21
N LEU A 184 -3.52 23.08 10.63
CA LEU A 184 -2.43 22.15 10.86
C LEU A 184 -1.57 22.75 11.97
N TYR A 185 -0.59 21.98 12.41
CA TYR A 185 0.41 22.46 13.30
C TYR A 185 1.80 22.07 12.78
N SER A 186 2.76 22.99 12.88
CA SER A 186 4.17 22.69 12.62
C SER A 186 5.01 22.73 13.93
N LYS A 187 5.74 21.68 14.23
CA LYS A 187 6.59 21.71 15.44
C LYS A 187 8.05 21.82 15.05
N LEU A 188 8.70 22.88 15.51
CA LEU A 188 10.15 23.01 15.36
C LEU A 188 10.83 22.64 16.67
N THR A 189 11.75 21.69 16.60
CA THR A 189 12.54 21.32 17.76
C THR A 189 13.82 22.16 17.75
N VAL A 190 14.16 22.77 18.88
CA VAL A 190 15.42 23.51 19.03
C VAL A 190 16.07 23.19 20.37
N ASP A 191 17.39 23.25 20.40
CA ASP A 191 18.14 23.06 21.62
C ASP A 191 17.63 24.04 22.64
N LYS A 192 17.42 23.56 23.85
CA LYS A 192 16.92 24.43 24.91
C LYS A 192 17.78 25.71 24.98
N SER A 193 19.11 25.55 24.91
CA SER A 193 20.01 26.70 24.97
C SER A 193 19.72 27.72 23.88
N ARG A 194 19.43 27.23 22.67
CA ARG A 194 19.08 28.11 21.55
C ARG A 194 17.81 28.91 21.81
N TRP A 195 16.85 28.32 22.52
CA TRP A 195 15.63 29.04 22.89
C TRP A 195 15.89 30.10 23.94
N GLN A 196 16.58 29.70 25.00
CA GLN A 196 16.84 30.58 26.14
C GLN A 196 17.84 31.70 25.83
N GLN A 197 18.44 31.62 24.65
CA GLN A 197 19.43 32.60 24.22
C GLN A 197 18.78 33.87 23.72
N GLY A 198 17.51 33.79 23.34
CA GLY A 198 16.80 34.95 22.84
C GLY A 198 16.62 34.98 21.34
N ASN A 199 17.22 34.02 20.61
CA ASN A 199 17.00 33.90 19.16
C ASN A 199 15.51 33.97 18.77
N VAL A 200 15.20 34.92 17.89
CA VAL A 200 13.85 35.06 17.36
C VAL A 200 13.69 34.04 16.24
N PHE A 201 12.79 33.08 16.49
CA PHE A 201 12.44 32.05 15.50
C PHE A 201 11.23 32.47 14.69
N SER A 202 11.19 32.03 13.44
CA SER A 202 10.12 32.45 12.54
C SER A 202 9.40 31.29 11.86
N CYS A 203 8.08 31.38 11.86
CA CYS A 203 7.24 30.46 11.14
C CYS A 203 6.71 31.12 9.86
N SER A 204 7.14 30.63 8.70
CA SER A 204 6.67 31.15 7.41
C SER A 204 5.59 30.27 6.75
N VAL A 205 4.51 30.91 6.32
CA VAL A 205 3.31 30.23 5.85
C VAL A 205 2.93 30.84 4.50
N MET A 206 2.73 29.97 3.50
CA MET A 206 2.49 30.41 2.16
C MET A 206 1.22 29.75 1.71
N HIS A 207 0.23 30.57 1.37
CA HIS A 207 -1.09 30.09 0.97
C HIS A 207 -1.66 31.14 0.08
N GLU A 208 -2.48 30.72 -0.87
CA GLU A 208 -3.00 31.62 -1.92
C GLU A 208 -3.84 32.78 -1.38
N ALA A 209 -4.49 32.58 -0.23
CA ALA A 209 -5.45 33.57 0.24
C ALA A 209 -4.82 34.58 1.19
N LEU A 210 -3.52 34.42 1.46
CA LEU A 210 -2.77 35.39 2.23
C LEU A 210 -2.35 36.54 1.33
N HIS A 211 -2.29 37.73 1.90
CA HIS A 211 -1.78 38.88 1.17
C HIS A 211 -0.36 38.62 0.78
N ASN A 212 -0.06 38.83 -0.50
CA ASN A 212 1.23 38.48 -1.10
C ASN A 212 1.58 36.99 -0.98
N HIS A 213 0.58 36.14 -0.73
CA HIS A 213 0.79 34.69 -0.57
C HIS A 213 1.76 34.30 0.52
N TYR A 214 1.96 35.18 1.50
CA TYR A 214 3.03 34.97 2.46
C TYR A 214 2.75 35.67 3.79
N THR A 215 2.99 34.94 4.87
CA THR A 215 2.96 35.57 6.18
C THR A 215 3.99 34.91 7.08
N GLN A 216 4.45 35.64 8.08
CA GLN A 216 5.54 35.17 8.90
C GLN A 216 5.37 35.68 10.30
N LYS A 217 5.29 34.76 11.26
CA LYS A 217 5.07 35.14 12.64
C LYS A 217 6.31 34.78 13.45
N SER A 218 6.60 35.54 14.49
CA SER A 218 7.83 35.29 15.21
C SER A 218 7.62 34.69 16.58
N LEU A 219 8.68 34.06 17.08
CA LEU A 219 8.66 33.43 18.39
C LEU A 219 9.98 33.70 19.09
N SER A 220 9.88 34.24 20.30
CA SER A 220 11.05 34.62 21.06
C SER A 220 10.84 34.58 22.58
N LEU A 221 11.92 34.35 23.31
CA LEU A 221 11.87 34.31 24.78
C LEU A 221 11.50 35.68 25.38
N SER A 222 10.75 35.64 26.49
CA SER A 222 10.46 36.78 27.41
C SER A 222 11.14 38.14 27.18
N PRO B 5 -27.16 -3.71 -13.69
CA PRO B 5 -26.07 -4.65 -13.38
C PRO B 5 -24.72 -3.92 -13.25
N PRO B 6 -23.84 -4.38 -12.33
CA PRO B 6 -22.55 -3.70 -12.20
C PRO B 6 -21.57 -4.16 -13.28
N CYS B 7 -20.47 -3.43 -13.43
CA CYS B 7 -19.44 -3.81 -14.40
C CYS B 7 -18.67 -5.01 -13.85
N PRO B 8 -18.34 -5.98 -14.72
CA PRO B 8 -17.53 -7.13 -14.31
C PRO B 8 -16.16 -6.69 -13.77
N ALA B 9 -16.00 -6.68 -12.46
CA ALA B 9 -14.76 -6.20 -11.85
C ALA B 9 -13.61 -7.19 -12.10
N PRO B 10 -12.57 -6.78 -12.86
CA PRO B 10 -11.42 -7.67 -13.13
C PRO B 10 -10.62 -8.11 -11.87
N GLU B 11 -10.68 -7.33 -10.78
CA GLU B 11 -10.07 -7.70 -9.51
C GLU B 11 -10.47 -9.11 -9.07
N LEU B 12 -11.64 -9.56 -9.52
CA LEU B 12 -12.16 -10.89 -9.23
C LEU B 12 -11.30 -12.01 -9.81
N LEU B 13 -10.56 -11.73 -10.88
CA LEU B 13 -9.60 -12.69 -11.43
C LEU B 13 -8.63 -13.23 -10.34
N GLY B 14 -8.32 -12.40 -9.36
CA GLY B 14 -7.39 -12.76 -8.29
C GLY B 14 -8.05 -13.38 -7.07
N GLY B 15 -9.38 -13.56 -7.12
CA GLY B 15 -10.11 -14.08 -5.96
C GLY B 15 -10.14 -13.07 -4.82
N PRO B 16 -10.50 -13.50 -3.61
CA PRO B 16 -10.72 -12.60 -2.47
C PRO B 16 -9.45 -11.96 -1.93
N SER B 17 -9.60 -10.73 -1.43
CA SER B 17 -8.55 -10.04 -0.64
C SER B 17 -8.92 -10.01 0.83
N VAL B 18 -7.90 -9.93 1.67
CA VAL B 18 -8.04 -10.02 3.12
C VAL B 18 -7.43 -8.80 3.80
N PHE B 19 -8.17 -8.19 4.73
CA PHE B 19 -7.66 -7.06 5.53
C PHE B 19 -7.85 -7.35 7.02
N LEU B 20 -6.79 -7.15 7.80
CA LEU B 20 -6.73 -7.56 9.21
C LEU B 20 -6.46 -6.33 10.03
N PHE B 21 -7.41 -5.95 10.88
CA PHE B 21 -7.36 -4.70 11.62
C PHE B 21 -7.10 -4.93 13.11
N PRO B 22 -6.23 -4.08 13.71
CA PRO B 22 -5.91 -4.11 15.15
C PRO B 22 -7.10 -3.64 15.99
N PRO B 23 -7.09 -3.88 17.31
CA PRO B 23 -8.10 -3.24 18.15
C PRO B 23 -7.92 -1.71 18.21
N LYS B 24 -9.01 -1.00 18.51
CA LYS B 24 -8.95 0.43 18.75
C LYS B 24 -8.09 0.67 19.99
N PRO B 25 -7.22 1.70 19.96
CA PRO B 25 -6.31 1.99 21.10
C PRO B 25 -6.99 2.02 22.48
N LYS B 26 -8.13 2.71 22.59
CA LYS B 26 -8.89 2.82 23.85
C LYS B 26 -9.34 1.47 24.36
N ASP B 27 -9.76 0.60 23.44
CA ASP B 27 -10.23 -0.74 23.80
C ASP B 27 -9.20 -1.58 24.53
N THR B 28 -7.94 -1.46 24.09
CA THR B 28 -6.86 -2.25 24.70
C THR B 28 -6.39 -1.69 26.04
N LEU B 29 -6.57 -0.39 26.23
CA LEU B 29 -6.04 0.28 27.41
C LEU B 29 -7.04 0.25 28.58
N MET B 30 -8.33 0.39 28.27
CA MET B 30 -9.39 0.45 29.29
C MET B 30 -10.02 -0.89 29.58
N ILE B 31 -9.96 -1.34 30.84
CA ILE B 31 -10.58 -2.62 31.20
C ILE B 31 -12.10 -2.70 30.95
N SER B 32 -12.79 -1.55 30.92
CA SER B 32 -14.24 -1.53 30.62
C SER B 32 -14.60 -1.80 29.13
N ARG B 33 -13.59 -1.89 28.28
CA ARG B 33 -13.83 -2.16 26.86
C ARG B 33 -13.29 -3.52 26.40
N THR B 34 -13.83 -4.02 25.29
CA THR B 34 -13.38 -5.31 24.77
C THR B 34 -12.58 -5.11 23.46
N PRO B 35 -11.26 -5.29 23.52
CA PRO B 35 -10.49 -5.17 22.29
C PRO B 35 -10.69 -6.39 21.40
N GLU B 36 -10.77 -6.16 20.10
CA GLU B 36 -10.90 -7.26 19.16
C GLU B 36 -10.11 -6.99 17.89
N VAL B 37 -9.68 -8.05 17.22
CA VAL B 37 -9.04 -7.93 15.93
C VAL B 37 -10.06 -8.36 14.88
N THR B 38 -10.11 -7.66 13.76
CA THR B 38 -11.13 -7.85 12.78
C THR B 38 -10.53 -8.29 11.46
N CYS B 39 -10.90 -9.50 11.02
CA CYS B 39 -10.43 -10.06 9.76
C CYS B 39 -11.56 -9.91 8.75
N VAL B 40 -11.34 -9.09 7.74
CA VAL B 40 -12.36 -8.83 6.74
C VAL B 40 -11.98 -9.25 5.31
N VAL B 41 -12.87 -10.04 4.71
CA VAL B 41 -12.61 -10.67 3.43
C VAL B 41 -13.56 -10.05 2.45
N VAL B 42 -12.97 -9.58 1.37
CA VAL B 42 -13.62 -8.75 0.40
C VAL B 42 -13.38 -9.43 -0.94
N ASP B 43 -14.21 -9.13 -1.94
CA ASP B 43 -14.09 -9.72 -3.27
C ASP B 43 -14.38 -11.22 -3.36
N VAL B 44 -15.24 -11.71 -2.47
CA VAL B 44 -15.72 -13.08 -2.54
C VAL B 44 -16.75 -13.16 -3.68
N SER B 45 -16.59 -14.15 -4.57
CA SER B 45 -17.46 -14.24 -5.74
C SER B 45 -18.77 -14.96 -5.41
N HIS B 46 -19.80 -14.78 -6.23
CA HIS B 46 -21.05 -15.51 -6.06
C HIS B 46 -20.87 -17.00 -6.28
N GLU B 47 -19.98 -17.35 -7.22
CA GLU B 47 -19.76 -18.72 -7.66
C GLU B 47 -18.89 -19.52 -6.70
N ASP B 48 -18.13 -18.82 -5.86
CA ASP B 48 -17.31 -19.47 -4.82
C ASP B 48 -17.46 -18.73 -3.49
N PRO B 49 -18.68 -18.76 -2.93
CA PRO B 49 -19.07 -17.92 -1.80
C PRO B 49 -18.63 -18.40 -0.41
N GLU B 50 -18.20 -19.66 -0.27
CA GLU B 50 -17.85 -20.17 1.06
C GLU B 50 -16.44 -19.75 1.49
N VAL B 51 -16.36 -19.12 2.66
CA VAL B 51 -15.10 -18.63 3.22
C VAL B 51 -14.84 -19.32 4.57
N LYS B 52 -13.68 -19.91 4.73
CA LYS B 52 -13.32 -20.54 6.02
C LYS B 52 -12.27 -19.70 6.74
N PHE B 53 -12.48 -19.46 8.04
CA PHE B 53 -11.53 -18.71 8.87
C PHE B 53 -10.88 -19.67 9.85
N ASN B 54 -9.56 -19.63 9.97
CA ASN B 54 -8.86 -20.19 11.12
C ASN B 54 -8.10 -19.09 11.84
N TRP B 55 -8.10 -19.13 13.17
CA TRP B 55 -7.41 -18.11 13.96
C TRP B 55 -6.35 -18.75 14.80
N TYR B 56 -5.21 -18.06 14.92
CA TYR B 56 -4.10 -18.54 15.74
C TYR B 56 -3.60 -17.42 16.58
N VAL B 57 -3.25 -17.72 17.82
CA VAL B 57 -2.63 -16.76 18.72
C VAL B 57 -1.26 -17.30 19.09
N ASP B 58 -0.22 -16.53 18.75
CA ASP B 58 1.16 -17.01 18.79
C ASP B 58 1.34 -18.37 18.12
N GLY B 59 0.53 -18.65 17.10
CA GLY B 59 0.63 -19.89 16.36
C GLY B 59 -0.22 -21.04 16.88
N VAL B 60 -0.89 -20.84 18.02
CA VAL B 60 -1.80 -21.83 18.57
C VAL B 60 -3.23 -21.51 18.20
N GLU B 61 -3.90 -22.44 17.53
CA GLU B 61 -5.26 -22.21 17.02
C GLU B 61 -6.29 -22.05 18.12
N VAL B 62 -7.17 -21.06 17.96
CA VAL B 62 -8.25 -20.81 18.91
C VAL B 62 -9.60 -20.92 18.20
N HIS B 63 -10.70 -21.02 18.96
CA HIS B 63 -12.02 -21.37 18.43
C HIS B 63 -13.13 -20.47 18.90
N ASN B 64 -12.77 -19.35 19.52
CA ASN B 64 -13.74 -18.43 20.08
C ASN B 64 -14.17 -17.26 19.17
N ALA B 65 -13.65 -17.22 17.95
CA ALA B 65 -13.95 -16.11 17.02
C ALA B 65 -15.41 -16.06 16.59
N LYS B 66 -15.89 -14.87 16.26
CA LYS B 66 -17.27 -14.70 15.80
C LYS B 66 -17.37 -14.31 14.34
N THR B 67 -17.79 -15.25 13.51
CA THR B 67 -17.87 -15.00 12.07
C THR B 67 -19.28 -14.62 11.69
N LYS B 68 -19.44 -13.44 11.09
CA LYS B 68 -20.73 -12.99 10.56
C LYS B 68 -21.07 -13.66 9.22
N PRO B 69 -22.38 -13.82 8.92
CA PRO B 69 -22.79 -14.30 7.59
C PRO B 69 -22.29 -13.38 6.48
N ARG B 70 -21.97 -13.96 5.32
CA ARG B 70 -21.57 -13.20 4.13
C ARG B 70 -22.60 -12.11 3.81
N GLU B 71 -22.11 -10.94 3.45
CA GLU B 71 -22.99 -9.81 3.17
C GLU B 71 -22.83 -9.36 1.72
N GLU B 72 -23.93 -9.38 0.98
CA GLU B 72 -23.94 -8.98 -0.43
C GLU B 72 -23.59 -7.49 -0.54
N GLN B 73 -22.59 -7.18 -1.35
CA GLN B 73 -22.12 -5.82 -1.53
C GLN B 73 -22.72 -5.18 -2.79
N TYR B 74 -22.67 -3.85 -2.86
CA TYR B 74 -23.20 -3.11 -4.01
C TYR B 74 -22.55 -3.51 -5.35
N ASN B 75 -21.24 -3.72 -5.36
CA ASN B 75 -20.54 -4.12 -6.57
C ASN B 75 -20.66 -5.62 -6.90
N SER B 76 -21.68 -6.29 -6.38
CA SER B 76 -22.00 -7.69 -6.76
C SER B 76 -20.92 -8.71 -6.32
N THR B 77 -20.36 -8.48 -5.14
CA THR B 77 -19.44 -9.40 -4.49
C THR B 77 -19.94 -9.58 -3.06
N TYR B 78 -19.42 -10.60 -2.38
CA TYR B 78 -19.66 -10.77 -0.97
C TYR B 78 -18.52 -10.16 -0.16
N ARG B 79 -18.89 -9.75 1.06
CA ARG B 79 -17.96 -9.35 2.11
C ARG B 79 -18.27 -10.19 3.35
N VAL B 80 -17.24 -10.78 3.94
CA VAL B 80 -17.45 -11.55 5.16
C VAL B 80 -16.37 -11.19 6.19
N VAL B 81 -16.83 -11.09 7.44
CA VAL B 81 -16.10 -10.49 8.56
C VAL B 81 -16.04 -11.49 9.72
N SER B 82 -14.85 -11.66 10.28
CA SER B 82 -14.70 -12.54 11.43
C SER B 82 -13.94 -11.75 12.46
N VAL B 83 -14.45 -11.76 13.69
CA VAL B 83 -13.82 -10.98 14.73
C VAL B 83 -13.41 -11.84 15.93
N LEU B 84 -12.20 -11.61 16.41
CA LEU B 84 -11.70 -12.31 17.55
C LEU B 84 -11.42 -11.33 18.69
N THR B 85 -12.17 -11.50 19.78
CA THR B 85 -11.91 -10.83 21.05
C THR B 85 -10.50 -11.21 21.48
N VAL B 86 -9.72 -10.23 21.88
CA VAL B 86 -8.39 -10.51 22.37
C VAL B 86 -8.35 -10.12 23.82
N LEU B 87 -7.44 -10.71 24.58
CA LEU B 87 -7.29 -10.32 25.97
C LEU B 87 -6.37 -9.12 26.05
N HIS B 88 -6.66 -8.21 26.99
CA HIS B 88 -5.88 -6.98 27.13
C HIS B 88 -4.39 -7.22 27.27
N GLN B 89 -4.00 -8.11 28.18
CA GLN B 89 -2.58 -8.35 28.43
C GLN B 89 -1.91 -9.01 27.26
N ASP B 90 -2.63 -9.97 26.65
CA ASP B 90 -2.13 -10.67 25.48
C ASP B 90 -1.72 -9.69 24.39
N TRP B 91 -2.60 -8.75 24.10
CA TRP B 91 -2.30 -7.74 23.11
C TRP B 91 -1.11 -6.90 23.49
N LEU B 92 -1.05 -6.47 24.75
CA LEU B 92 0.05 -5.64 25.25
C LEU B 92 1.37 -6.40 25.41
N ASN B 93 1.28 -7.73 25.52
CA ASN B 93 2.47 -8.57 25.58
C ASN B 93 3.05 -8.96 24.24
N GLY B 94 2.57 -8.34 23.16
CA GLY B 94 3.11 -8.56 21.82
C GLY B 94 2.72 -9.88 21.16
N LYS B 95 1.60 -10.48 21.59
CA LYS B 95 1.17 -11.73 20.95
C LYS B 95 0.72 -11.53 19.52
N GLU B 96 1.00 -12.52 18.67
CA GLU B 96 0.68 -12.44 17.25
C GLU B 96 -0.65 -13.10 16.95
N TYR B 97 -1.51 -12.41 16.22
CA TYR B 97 -2.83 -12.94 15.87
C TYR B 97 -2.86 -13.20 14.38
N LYS B 98 -3.21 -14.42 14.01
CA LYS B 98 -3.18 -14.81 12.62
C LYS B 98 -4.55 -15.22 12.17
N CYS B 99 -5.00 -14.59 11.11
CA CYS B 99 -6.23 -14.95 10.45
C CYS B 99 -5.89 -15.67 9.13
N LYS B 100 -6.25 -16.96 9.04
CA LYS B 100 -6.09 -17.74 7.80
C LYS B 100 -7.42 -17.88 7.12
N VAL B 101 -7.45 -17.54 5.84
CA VAL B 101 -8.70 -17.44 5.09
C VAL B 101 -8.67 -18.41 3.92
N SER B 102 -9.64 -19.31 3.88
CA SER B 102 -9.71 -20.35 2.83
C SER B 102 -10.91 -20.13 1.97
N ASN B 103 -10.70 -20.23 0.67
CA ASN B 103 -11.74 -20.01 -0.31
C ASN B 103 -11.34 -20.68 -1.62
N LYS B 104 -12.29 -21.35 -2.26
CA LYS B 104 -12.03 -22.07 -3.50
C LYS B 104 -11.53 -21.24 -4.69
N ALA B 105 -11.76 -19.92 -4.65
CA ALA B 105 -11.27 -19.02 -5.69
C ALA B 105 -9.77 -18.64 -5.48
N LEU B 106 -9.14 -19.24 -4.48
CA LEU B 106 -7.73 -19.02 -4.16
C LEU B 106 -6.95 -20.32 -4.37
N PRO B 107 -5.66 -20.24 -4.76
CA PRO B 107 -4.92 -21.50 -4.91
C PRO B 107 -4.38 -21.98 -3.57
N ALA B 108 -4.36 -21.10 -2.59
CA ALA B 108 -3.92 -21.43 -1.22
C ALA B 108 -4.60 -20.47 -0.29
N PRO B 109 -4.74 -20.84 1.01
CA PRO B 109 -5.28 -19.87 1.98
C PRO B 109 -4.41 -18.63 2.09
N ILE B 110 -5.03 -17.47 2.33
CA ILE B 110 -4.29 -16.25 2.61
C ILE B 110 -4.16 -16.10 4.13
N GLU B 111 -2.95 -15.82 4.59
CA GLU B 111 -2.64 -15.67 6.01
C GLU B 111 -2.20 -14.24 6.30
N LYS B 112 -2.87 -13.61 7.25
CA LYS B 112 -2.52 -12.26 7.65
C LYS B 112 -2.23 -12.28 9.14
N THR B 113 -1.28 -11.44 9.52
CA THR B 113 -0.80 -11.37 10.88
C THR B 113 -0.79 -9.93 11.37
N ILE B 114 -1.27 -9.73 12.60
CA ILE B 114 -1.28 -8.43 13.24
C ILE B 114 -0.77 -8.63 14.66
N SER B 115 -0.06 -7.64 15.18
CA SER B 115 0.33 -7.58 16.58
C SER B 115 0.62 -6.13 16.93
N LYS B 116 0.91 -5.89 18.19
CA LYS B 116 1.29 -4.58 18.62
C LYS B 116 2.66 -4.24 18.02
N ALA B 117 2.86 -2.98 17.66
CA ALA B 117 4.16 -2.49 17.19
C ALA B 117 5.27 -2.96 18.12
N LYS B 118 6.43 -3.32 17.55
CA LYS B 118 7.58 -3.77 18.34
C LYS B 118 8.49 -2.59 18.63
N GLY B 119 9.32 -2.72 19.66
CA GLY B 119 10.15 -1.59 20.08
C GLY B 119 9.72 -1.16 21.46
N GLN B 120 10.62 -0.55 22.23
CA GLN B 120 10.29 -0.21 23.59
C GLN B 120 9.17 0.83 23.58
N PRO B 121 8.15 0.63 24.43
CA PRO B 121 7.14 1.67 24.60
C PRO B 121 7.80 2.92 25.15
N ARG B 122 7.44 4.07 24.59
CA ARG B 122 7.95 5.34 25.11
C ARG B 122 6.80 6.18 25.58
N GLU B 123 6.98 6.75 26.77
CA GLU B 123 5.94 7.50 27.46
C GLU B 123 5.63 8.88 26.82
N PRO B 124 4.34 9.15 26.56
CA PRO B 124 3.96 10.49 26.09
C PRO B 124 4.35 11.60 27.07
N GLN B 125 4.91 12.67 26.49
CA GLN B 125 5.05 13.95 27.16
C GLN B 125 3.85 14.78 26.74
N VAL B 126 3.09 15.28 27.71
CA VAL B 126 1.87 16.03 27.42
C VAL B 126 2.06 17.46 27.85
N TYR B 127 1.91 18.37 26.90
CA TYR B 127 2.08 19.78 27.15
C TYR B 127 0.85 20.55 26.69
N THR B 128 0.32 21.39 27.57
CA THR B 128 -0.82 22.23 27.26
C THR B 128 -0.38 23.66 26.94
N LEU B 129 -0.96 24.23 25.90
CA LEU B 129 -0.46 25.45 25.37
C LEU B 129 -1.60 26.45 25.21
N PRO B 130 -1.49 27.60 25.90
CA PRO B 130 -2.48 28.66 25.85
C PRO B 130 -2.52 29.30 24.47
N PRO B 131 -3.66 29.95 24.14
CA PRO B 131 -3.77 30.69 22.90
C PRO B 131 -2.71 31.76 22.80
N SER B 132 -2.15 31.92 21.60
CA SER B 132 -1.23 32.99 21.30
C SER B 132 -1.86 34.34 21.66
N ARG B 133 -1.02 35.25 22.15
CA ARG B 133 -1.46 36.61 22.43
C ARG B 133 -2.19 37.21 21.24
N ASP B 134 -1.67 36.99 20.02
CA ASP B 134 -2.34 37.43 18.80
C ASP B 134 -3.80 36.95 18.69
N GLU B 135 -4.09 35.76 19.19
CA GLU B 135 -5.44 35.20 19.04
C GLU B 135 -6.45 35.77 20.04
N LEU B 136 -5.95 36.39 21.12
CA LEU B 136 -6.83 36.97 22.14
C LEU B 136 -7.66 38.17 21.63
N THR B 137 -7.41 38.61 20.41
CA THR B 137 -8.26 39.63 19.80
C THR B 137 -9.48 39.00 19.10
N LYS B 138 -9.43 37.69 18.85
CA LYS B 138 -10.53 36.97 18.21
C LYS B 138 -11.62 36.56 19.20
N ASN B 139 -12.79 36.19 18.68
CA ASN B 139 -13.90 35.73 19.52
C ASN B 139 -13.73 34.31 20.03
N GLN B 140 -13.07 33.48 19.22
CA GLN B 140 -12.81 32.11 19.60
C GLN B 140 -11.30 31.94 19.71
N VAL B 141 -10.87 31.17 20.70
CA VAL B 141 -9.43 30.97 20.93
C VAL B 141 -9.08 29.48 20.87
N SER B 142 -7.84 29.20 20.50
CA SER B 142 -7.42 27.82 20.34
C SER B 142 -6.60 27.38 21.53
N LEU B 143 -7.06 26.31 22.17
CA LEU B 143 -6.31 25.67 23.26
C LEU B 143 -5.62 24.42 22.72
N THR B 144 -4.31 24.33 22.96
CA THR B 144 -3.48 23.33 22.29
C THR B 144 -2.96 22.28 23.26
N CYS B 145 -3.13 21.02 22.88
CA CYS B 145 -2.45 19.93 23.57
C CYS B 145 -1.40 19.30 22.66
N LEU B 146 -0.13 19.46 23.03
CA LEU B 146 0.94 18.76 22.34
C LEU B 146 1.23 17.48 23.07
N VAL B 147 1.01 16.36 22.38
CA VAL B 147 1.41 15.06 22.89
C VAL B 147 2.61 14.54 22.06
N LYS B 148 3.73 14.29 22.72
CA LYS B 148 4.97 13.96 21.98
C LYS B 148 5.85 12.89 22.63
N GLY B 149 6.82 12.39 21.87
CA GLY B 149 7.79 11.42 22.37
C GLY B 149 7.20 10.06 22.66
N PHE B 150 6.09 9.69 22.00
CA PHE B 150 5.45 8.43 22.35
C PHE B 150 5.65 7.31 21.32
N TYR B 151 5.68 6.09 21.83
CA TYR B 151 5.78 4.90 21.01
C TYR B 151 5.11 3.76 21.78
N PRO B 152 4.27 2.95 21.11
CA PRO B 152 3.83 3.01 19.72
C PRO B 152 2.89 4.18 19.43
N SER B 153 2.44 4.31 18.19
CA SER B 153 1.58 5.43 17.81
C SER B 153 0.12 5.31 18.32
N ASP B 154 -0.26 4.15 18.85
CA ASP B 154 -1.58 3.92 19.47
C ASP B 154 -1.86 4.75 20.73
N ILE B 155 -2.89 5.59 20.68
CA ILE B 155 -3.09 6.65 21.65
C ILE B 155 -4.50 7.22 21.51
N ALA B 156 -5.03 7.75 22.60
CA ALA B 156 -6.29 8.46 22.54
C ALA B 156 -6.20 9.72 23.37
N VAL B 157 -6.85 10.78 22.91
CA VAL B 157 -6.74 12.08 23.51
C VAL B 157 -8.14 12.67 23.60
N GLU B 158 -8.44 13.32 24.72
CA GLU B 158 -9.75 13.99 24.90
C GLU B 158 -9.59 15.29 25.66
N TRP B 159 -10.65 16.09 25.67
CA TRP B 159 -10.71 17.26 26.53
C TRP B 159 -11.88 17.24 27.46
N GLU B 160 -11.69 17.88 28.62
CA GLU B 160 -12.75 18.13 29.58
C GLU B 160 -12.61 19.55 30.12
N SER B 161 -13.69 20.05 30.69
CA SER B 161 -13.57 21.16 31.63
C SER B 161 -14.43 20.95 32.85
N ASN B 162 -13.85 21.20 34.02
CA ASN B 162 -14.50 20.86 35.28
C ASN B 162 -14.85 19.36 35.31
N GLY B 163 -14.01 18.54 34.65
CA GLY B 163 -14.20 17.10 34.63
C GLY B 163 -15.37 16.60 33.80
N GLN B 164 -15.96 17.48 32.97
CA GLN B 164 -16.95 17.09 31.94
C GLN B 164 -16.34 17.20 30.54
N PRO B 165 -16.75 16.31 29.61
CA PRO B 165 -16.23 16.38 28.24
C PRO B 165 -16.46 17.74 27.54
N GLU B 166 -15.40 18.29 26.95
CA GLU B 166 -15.52 19.38 25.97
C GLU B 166 -15.32 18.73 24.63
N ASN B 167 -16.26 18.89 23.71
CA ASN B 167 -16.18 18.17 22.42
C ASN B 167 -15.88 18.99 21.15
N ASN B 168 -15.72 20.30 21.32
CA ASN B 168 -15.34 21.17 20.21
C ASN B 168 -13.83 21.11 19.92
N TYR B 169 -13.34 19.92 19.60
CA TYR B 169 -11.90 19.77 19.38
C TYR B 169 -11.59 18.85 18.23
N LYS B 170 -10.40 18.98 17.67
CA LYS B 170 -9.95 18.10 16.60
C LYS B 170 -8.52 17.72 16.89
N THR B 171 -8.18 16.48 16.56
CA THR B 171 -6.86 15.94 16.83
C THR B 171 -6.24 15.47 15.51
N THR B 172 -4.98 15.82 15.27
CA THR B 172 -4.29 15.40 14.06
C THR B 172 -3.91 13.93 14.22
N PRO B 173 -3.74 13.21 13.08
CA PRO B 173 -3.18 11.87 13.24
C PRO B 173 -1.80 11.96 13.92
N PRO B 174 -1.27 10.83 14.42
CA PRO B 174 0.11 10.79 14.92
C PRO B 174 1.06 11.02 13.76
N VAL B 175 2.18 11.69 14.02
CA VAL B 175 3.16 11.93 12.98
C VAL B 175 4.47 11.36 13.45
N LEU B 176 5.14 10.63 12.56
CA LEU B 176 6.49 10.11 12.87
C LEU B 176 7.45 11.28 13.08
N ASP B 177 7.97 11.42 14.30
CA ASP B 177 8.93 12.51 14.59
C ASP B 177 10.32 12.10 14.17
N SER B 178 11.23 13.07 14.17
CA SER B 178 12.56 12.82 13.61
C SER B 178 13.43 11.98 14.54
N ASP B 179 12.99 11.75 15.78
CA ASP B 179 13.72 10.82 16.69
C ASP B 179 13.17 9.38 16.74
N GLY B 180 12.29 9.04 15.80
CA GLY B 180 11.63 7.74 15.82
C GLY B 180 10.43 7.62 16.75
N SER B 181 10.16 8.63 17.58
CA SER B 181 8.87 8.64 18.32
C SER B 181 7.76 9.28 17.49
N PHE B 182 6.54 9.26 18.03
CA PHE B 182 5.41 9.95 17.40
C PHE B 182 5.03 11.19 18.18
N PHE B 183 4.43 12.17 17.51
CA PHE B 183 3.73 13.28 18.19
C PHE B 183 2.38 13.55 17.54
N LEU B 184 1.49 14.21 18.26
CA LEU B 184 0.32 14.77 17.62
C LEU B 184 -0.01 16.06 18.36
N TYR B 185 -0.98 16.81 17.84
CA TYR B 185 -1.57 17.96 18.49
C TYR B 185 -3.08 17.80 18.54
N SER B 186 -3.67 18.26 19.64
CA SER B 186 -5.12 18.37 19.73
C SER B 186 -5.50 19.84 19.94
N LYS B 187 -6.54 20.27 19.23
CA LYS B 187 -7.00 21.67 19.32
C LYS B 187 -8.43 21.77 19.86
N LEU B 188 -8.57 22.41 21.02
CA LEU B 188 -9.88 22.76 21.54
C LEU B 188 -10.16 24.25 21.33
N THR B 189 -11.27 24.53 20.66
CA THR B 189 -11.71 25.89 20.39
C THR B 189 -12.82 26.22 21.37
N VAL B 190 -12.65 27.33 22.09
CA VAL B 190 -13.60 27.80 23.10
C VAL B 190 -13.82 29.29 22.92
N ASP B 191 -14.93 29.80 23.44
CA ASP B 191 -15.20 31.24 23.44
C ASP B 191 -14.16 31.96 24.26
N LYS B 192 -13.68 33.09 23.74
CA LYS B 192 -12.62 33.87 24.41
C LYS B 192 -12.99 34.31 25.83
N SER B 193 -14.28 34.49 26.07
CA SER B 193 -14.80 34.88 27.39
C SER B 193 -14.46 33.81 28.43
N ARG B 194 -14.66 32.54 28.06
CA ARG B 194 -14.33 31.39 28.92
C ARG B 194 -12.85 31.33 29.29
N TRP B 195 -11.99 31.74 28.37
CA TRP B 195 -10.56 31.72 28.64
C TRP B 195 -10.15 32.87 29.52
N GLN B 196 -10.74 34.03 29.26
CA GLN B 196 -10.42 35.25 29.98
C GLN B 196 -11.06 35.29 31.37
N GLN B 197 -11.90 34.30 31.71
CA GLN B 197 -12.65 34.35 32.97
C GLN B 197 -11.88 34.01 34.28
N GLY B 198 -11.08 32.92 34.38
CA GLY B 198 -10.78 31.97 33.33
C GLY B 198 -10.92 30.52 33.80
N ASN B 199 -11.84 29.81 33.15
CA ASN B 199 -12.13 28.39 33.35
C ASN B 199 -10.89 27.49 33.18
N VAL B 200 -10.97 26.27 33.74
CA VAL B 200 -9.85 25.32 33.73
C VAL B 200 -10.12 24.11 32.83
N PHE B 201 -9.27 23.96 31.81
CA PHE B 201 -9.42 22.91 30.82
C PHE B 201 -8.39 21.82 31.00
N SER B 202 -8.74 20.60 30.58
CA SER B 202 -7.82 19.49 30.69
C SER B 202 -7.75 18.64 29.43
N CYS B 203 -6.51 18.33 29.08
CA CYS B 203 -6.21 17.44 28.00
C CYS B 203 -5.88 16.09 28.64
N SER B 204 -6.62 15.05 28.27
CA SER B 204 -6.41 13.72 28.85
C SER B 204 -5.99 12.70 27.82
N VAL B 205 -4.90 12.00 28.12
CA VAL B 205 -4.27 11.12 27.17
C VAL B 205 -4.23 9.68 27.66
N MET B 206 -4.62 8.74 26.79
CA MET B 206 -4.47 7.30 27.06
C MET B 206 -3.41 6.65 26.19
N HIS B 207 -2.50 5.94 26.82
CA HIS B 207 -1.40 5.26 26.15
C HIS B 207 -0.84 4.19 27.04
N GLU B 208 -0.43 3.06 26.45
CA GLU B 208 0.11 1.93 27.24
C GLU B 208 1.28 2.26 28.19
N ALA B 209 2.11 3.23 27.81
CA ALA B 209 3.32 3.57 28.56
C ALA B 209 3.04 4.59 29.65
N LEU B 210 1.78 4.92 29.88
CA LEU B 210 1.41 5.77 31.01
C LEU B 210 1.03 4.95 32.22
N HIS B 211 1.24 5.52 33.40
CA HIS B 211 0.85 4.89 34.64
C HIS B 211 -0.66 4.84 34.71
N ASN B 212 -1.20 3.64 34.92
CA ASN B 212 -2.64 3.39 34.83
C ASN B 212 -3.19 3.68 33.43
N HIS B 213 -2.32 3.64 32.43
CA HIS B 213 -2.69 3.93 31.04
C HIS B 213 -3.34 5.28 30.84
N TYR B 214 -3.09 6.23 31.73
CA TYR B 214 -3.86 7.46 31.72
C TYR B 214 -3.11 8.62 32.35
N THR B 215 -3.17 9.79 31.70
CA THR B 215 -2.66 11.00 32.31
C THR B 215 -3.55 12.18 31.94
N GLN B 216 -3.49 13.23 32.76
CA GLN B 216 -4.30 14.44 32.52
C GLN B 216 -3.44 15.68 32.67
N LYS B 217 -3.64 16.67 31.82
CA LYS B 217 -2.88 17.91 31.94
C LYS B 217 -3.82 19.11 31.84
N SER B 218 -3.72 20.04 32.80
CA SER B 218 -4.66 21.15 32.84
C SER B 218 -4.10 22.40 32.14
N LEU B 219 -4.99 23.35 31.87
CA LEU B 219 -4.69 24.54 31.06
C LEU B 219 -5.60 25.63 31.57
N SER B 220 -5.01 26.77 31.96
CA SER B 220 -5.72 27.87 32.63
C SER B 220 -5.03 29.18 32.36
N LEU B 221 -5.77 30.29 32.45
CA LEU B 221 -5.17 31.63 32.33
C LEU B 221 -4.39 32.03 33.59
N PRO C 6 13.21 -55.04 -22.34
CA PRO C 6 11.82 -54.79 -22.72
C PRO C 6 11.10 -53.88 -21.72
N LYS C 7 11.73 -52.78 -21.35
CA LYS C 7 11.20 -51.85 -20.37
C LYS C 7 10.00 -51.05 -20.89
N ALA C 8 8.96 -50.94 -20.09
CA ALA C 8 7.94 -49.93 -20.39
C ALA C 8 8.49 -48.54 -20.12
N VAL C 9 7.89 -47.55 -20.76
CA VAL C 9 8.25 -46.14 -20.55
C VAL C 9 7.00 -45.32 -20.25
N VAL C 10 7.05 -44.49 -19.22
CA VAL C 10 6.00 -43.49 -18.96
C VAL C 10 6.30 -42.18 -19.72
N PHE C 11 5.34 -41.67 -20.50
CA PHE C 11 5.43 -40.32 -21.08
C PHE C 11 4.41 -39.39 -20.43
N LEU C 12 4.81 -38.15 -20.20
CA LEU C 12 3.87 -37.11 -19.76
C LEU C 12 3.35 -36.33 -20.96
N GLU C 13 2.04 -36.08 -20.97
CA GLU C 13 1.48 -35.09 -21.90
C GLU C 13 0.49 -34.15 -21.20
N PRO C 14 0.70 -32.81 -21.32
CA PRO C 14 1.92 -32.20 -21.90
C PRO C 14 3.15 -32.59 -21.10
N GLN C 15 4.33 -32.30 -21.63
CA GLN C 15 5.52 -32.91 -21.08
C GLN C 15 5.98 -32.40 -19.69
N TRP C 16 5.43 -31.27 -19.21
CA TRP C 16 5.91 -30.61 -17.96
C TRP C 16 5.78 -31.50 -16.75
N TYR C 17 6.90 -31.78 -16.12
CA TYR C 17 6.82 -32.58 -14.90
C TYR C 17 6.46 -31.74 -13.67
N ARG C 18 6.52 -30.41 -13.83
CA ARG C 18 6.16 -29.47 -12.77
C ARG C 18 4.89 -28.86 -13.25
N VAL C 19 3.84 -28.96 -12.44
CA VAL C 19 2.52 -28.47 -12.80
C VAL C 19 1.92 -27.79 -11.56
N LEU C 20 0.82 -27.07 -11.75
CA LEU C 20 0.08 -26.43 -10.68
C LEU C 20 -1.19 -27.23 -10.37
N GLU C 21 -1.69 -27.10 -9.15
CA GLU C 21 -2.96 -27.75 -8.84
C GLU C 21 -4.01 -27.34 -9.87
N LYS C 22 -4.85 -28.30 -10.23
CA LYS C 22 -5.92 -28.15 -11.24
C LYS C 22 -5.50 -28.31 -12.70
N ASP C 23 -4.19 -28.39 -12.97
CA ASP C 23 -3.71 -28.74 -14.31
C ASP C 23 -4.11 -30.17 -14.59
N SER C 24 -4.43 -30.46 -15.86
CA SER C 24 -4.59 -31.81 -16.35
C SER C 24 -3.24 -32.38 -16.72
N VAL C 25 -3.09 -33.69 -16.55
CA VAL C 25 -1.86 -34.37 -16.87
C VAL C 25 -2.24 -35.76 -17.30
N THR C 26 -1.76 -36.19 -18.47
CA THR C 26 -1.92 -37.58 -18.95
C THR C 26 -0.58 -38.30 -18.86
N LEU C 27 -0.54 -39.40 -18.12
CA LEU C 27 0.62 -40.28 -18.12
C LEU C 27 0.34 -41.40 -19.12
N LYS C 28 1.24 -41.58 -20.07
CA LYS C 28 1.03 -42.59 -21.09
C LYS C 28 2.01 -43.75 -20.91
N CYS C 29 1.49 -44.96 -20.86
CA CYS C 29 2.38 -46.11 -20.77
C CYS C 29 2.67 -46.70 -22.15
N GLN C 30 3.95 -46.69 -22.56
CA GLN C 30 4.37 -47.39 -23.76
C GLN C 30 4.99 -48.73 -23.39
N GLY C 31 4.36 -49.82 -23.81
CA GLY C 31 4.87 -51.17 -23.57
C GLY C 31 5.64 -51.65 -24.78
N ALA C 32 5.63 -52.96 -25.05
CA ALA C 32 6.24 -53.50 -26.27
C ALA C 32 5.52 -52.97 -27.51
N TYR C 33 6.28 -52.80 -28.60
CA TYR C 33 5.75 -52.29 -29.86
C TYR C 33 5.19 -53.44 -30.66
N SER C 34 4.18 -54.11 -30.09
CA SER C 34 3.60 -55.29 -30.69
C SER C 34 2.08 -55.22 -30.79
N PRO C 35 1.51 -55.81 -31.86
CA PRO C 35 0.06 -55.86 -32.06
C PRO C 35 -0.62 -56.72 -31.01
N GLU C 36 0.21 -57.42 -30.22
CA GLU C 36 -0.28 -58.25 -29.14
C GLU C 36 -0.73 -57.39 -27.96
N ASP C 37 -2.04 -57.14 -27.93
CA ASP C 37 -2.69 -56.34 -26.90
C ASP C 37 -2.21 -56.68 -25.48
N GLN C 38 -1.62 -55.69 -24.83
CA GLN C 38 -1.20 -55.83 -23.46
C GLN C 38 -2.24 -55.16 -22.53
N SER C 39 -2.27 -55.59 -21.29
CA SER C 39 -3.00 -54.87 -20.27
C SER C 39 -1.99 -53.96 -19.59
N THR C 40 -2.44 -52.92 -18.90
CA THR C 40 -1.49 -52.01 -18.22
C THR C 40 -1.65 -52.05 -16.67
N GLN C 41 -0.57 -51.81 -15.94
CA GLN C 41 -0.71 -51.52 -14.52
C GLN C 41 0.16 -50.32 -14.17
N TRP C 42 -0.26 -49.61 -13.12
CA TRP C 42 0.31 -48.35 -12.69
C TRP C 42 0.66 -48.34 -11.24
N PHE C 43 1.84 -47.79 -10.94
CA PHE C 43 2.26 -47.60 -9.57
C PHE C 43 2.55 -46.13 -9.33
N HIS C 44 2.05 -45.62 -8.20
CA HIS C 44 2.30 -44.28 -7.70
C HIS C 44 2.94 -44.41 -6.34
N ASN C 45 4.08 -43.73 -6.12
CA ASN C 45 4.90 -43.90 -4.89
C ASN C 45 4.97 -45.38 -4.52
N GLU C 46 5.40 -46.17 -5.50
CA GLU C 46 5.56 -47.62 -5.35
C GLU C 46 4.33 -48.40 -4.90
N SER C 47 3.15 -47.78 -5.00
CA SER C 47 1.89 -48.45 -4.73
C SER C 47 0.99 -48.54 -5.95
N LEU C 48 0.36 -49.69 -6.06
CA LEU C 48 -0.53 -50.00 -7.15
C LEU C 48 -1.70 -49.06 -7.01
N ILE C 49 -2.15 -48.50 -8.14
CA ILE C 49 -3.36 -47.71 -8.19
C ILE C 49 -4.31 -48.45 -9.12
N SER C 50 -5.58 -48.06 -9.13
CA SER C 50 -6.65 -48.80 -9.78
C SER C 50 -6.60 -48.88 -11.28
N SER C 51 -6.04 -47.88 -11.94
CA SER C 51 -6.13 -47.83 -13.40
C SER C 51 -5.37 -48.97 -14.06
N GLN C 52 -6.02 -49.63 -15.01
CA GLN C 52 -5.34 -50.50 -15.96
C GLN C 52 -5.45 -49.95 -17.39
N ALA C 53 -5.64 -48.64 -17.50
CA ALA C 53 -5.72 -48.02 -18.80
C ALA C 53 -4.33 -47.73 -19.34
N SER C 54 -4.22 -47.77 -20.66
CA SER C 54 -2.95 -47.47 -21.30
C SER C 54 -2.47 -46.03 -21.01
N SER C 55 -3.45 -45.13 -20.83
CA SER C 55 -3.24 -43.74 -20.43
C SER C 55 -3.87 -43.50 -19.08
N TYR C 56 -3.06 -43.10 -18.12
CA TYR C 56 -3.60 -42.71 -16.86
C TYR C 56 -3.80 -41.18 -16.84
N PHE C 57 -5.04 -40.75 -16.70
CA PHE C 57 -5.40 -39.34 -16.81
C PHE C 57 -5.66 -38.73 -15.44
N ILE C 58 -4.96 -37.63 -15.13
CA ILE C 58 -5.26 -36.80 -13.97
C ILE C 58 -6.02 -35.54 -14.39
N ASP C 59 -7.28 -35.53 -14.02
CA ASP C 59 -8.23 -34.52 -14.42
C ASP C 59 -7.83 -33.15 -13.86
N ALA C 60 -7.83 -33.06 -12.52
CA ALA C 60 -7.50 -31.84 -11.81
C ALA C 60 -6.45 -32.18 -10.75
N ALA C 61 -5.17 -31.92 -11.02
CA ALA C 61 -4.08 -32.34 -10.13
C ALA C 61 -4.19 -31.75 -8.74
N THR C 62 -3.80 -32.51 -7.73
CA THR C 62 -3.70 -32.00 -6.36
C THR C 62 -2.31 -32.35 -5.90
N VAL C 63 -1.86 -31.77 -4.78
CA VAL C 63 -0.49 -31.99 -4.27
C VAL C 63 -0.15 -33.48 -4.09
N ASP C 64 -1.11 -34.26 -3.59
CA ASP C 64 -0.94 -35.73 -3.41
C ASP C 64 -0.70 -36.55 -4.70
N ASP C 65 -0.99 -35.96 -5.85
CA ASP C 65 -0.67 -36.59 -7.14
C ASP C 65 0.84 -36.51 -7.46
N SER C 66 1.57 -35.70 -6.69
CA SER C 66 3.02 -35.63 -6.82
C SER C 66 3.61 -36.99 -6.46
N GLY C 67 4.84 -37.21 -6.89
CA GLY C 67 5.61 -38.38 -6.58
C GLY C 67 6.03 -39.12 -7.84
N GLU C 68 6.34 -40.40 -7.66
CA GLU C 68 6.93 -41.23 -8.72
C GLU C 68 5.87 -42.14 -9.35
N TYR C 69 5.88 -42.21 -10.67
CA TYR C 69 4.97 -43.05 -11.40
C TYR C 69 5.74 -44.07 -12.20
N ARG C 70 5.29 -45.31 -12.13
CA ARG C 70 5.84 -46.39 -12.93
C ARG C 70 4.70 -47.14 -13.59
N CYS C 71 4.93 -47.63 -14.80
CA CYS C 71 3.91 -48.43 -15.44
C CYS C 71 4.53 -49.71 -15.99
N GLN C 72 3.68 -50.66 -16.35
CA GLN C 72 4.10 -51.94 -16.89
C GLN C 72 2.97 -52.56 -17.71
N THR C 73 3.32 -53.26 -18.79
CA THR C 73 2.35 -54.01 -19.58
C THR C 73 2.73 -55.49 -19.57
N GLN C 74 1.82 -56.36 -20.04
CA GLN C 74 2.10 -57.81 -20.11
C GLN C 74 3.46 -58.13 -20.74
N LEU C 75 3.80 -57.43 -21.82
CA LEU C 75 5.01 -57.73 -22.57
C LEU C 75 6.19 -56.84 -22.17
N SER C 76 6.11 -56.25 -20.99
CA SER C 76 7.05 -55.23 -20.57
C SER C 76 7.60 -55.50 -19.21
N THR C 77 8.83 -55.07 -18.96
CA THR C 77 9.31 -54.99 -17.60
C THR C 77 8.95 -53.62 -17.01
N LEU C 78 8.91 -53.57 -15.68
CA LEU C 78 8.52 -52.39 -14.92
C LEU C 78 9.32 -51.15 -15.32
N SER C 79 8.62 -50.06 -15.60
CA SER C 79 9.29 -48.87 -16.11
C SER C 79 10.18 -48.22 -15.05
N ASP C 80 11.14 -47.42 -15.53
CA ASP C 80 11.86 -46.49 -14.67
C ASP C 80 10.84 -45.45 -14.19
N PRO C 81 11.09 -44.86 -13.00
CA PRO C 81 10.14 -43.89 -12.49
C PRO C 81 10.17 -42.58 -13.25
N VAL C 82 9.01 -41.95 -13.31
CA VAL C 82 8.87 -40.59 -13.77
C VAL C 82 8.31 -39.79 -12.61
N GLN C 83 8.87 -38.60 -12.42
CA GLN C 83 8.55 -37.72 -11.32
C GLN C 83 7.48 -36.73 -11.76
N LEU C 84 6.45 -36.53 -10.93
CA LEU C 84 5.48 -35.45 -11.13
C LEU C 84 5.47 -34.54 -9.90
N GLU C 85 5.62 -33.22 -10.10
CA GLU C 85 5.59 -32.24 -9.00
C GLU C 85 4.41 -31.31 -9.18
N VAL C 86 3.44 -31.40 -8.27
CA VAL C 86 2.24 -30.58 -8.34
C VAL C 86 2.47 -29.47 -7.33
N HIS C 87 2.58 -28.25 -7.83
CA HIS C 87 2.86 -27.09 -7.02
C HIS C 87 1.58 -26.42 -6.61
N ILE C 88 1.63 -25.72 -5.48
CA ILE C 88 0.50 -24.92 -5.00
C ILE C 88 0.89 -23.44 -5.13
N GLY C 89 0.10 -22.69 -5.88
CA GLY C 89 0.28 -21.24 -5.98
C GLY C 89 -0.28 -20.66 -7.29
N TRP C 90 0.02 -19.39 -7.51
CA TRP C 90 -0.51 -18.65 -8.64
C TRP C 90 0.25 -18.85 -9.90
N LEU C 91 1.57 -18.99 -9.78
CA LEU C 91 2.44 -18.96 -10.95
C LEU C 91 3.49 -20.01 -10.86
N LEU C 92 3.81 -20.59 -12.01
CA LEU C 92 4.86 -21.57 -12.11
C LEU C 92 5.61 -21.32 -13.37
N LEU C 93 6.91 -21.12 -13.23
CA LEU C 93 7.74 -20.94 -14.39
C LEU C 93 8.10 -22.32 -14.91
N GLN C 94 7.57 -22.67 -16.09
CA GLN C 94 7.81 -23.98 -16.68
C GLN C 94 8.83 -23.90 -17.82
N ALA C 95 9.82 -24.79 -17.79
CA ALA C 95 10.83 -24.88 -18.84
C ALA C 95 10.80 -26.30 -19.39
N PRO C 96 11.10 -26.48 -20.68
CA PRO C 96 11.16 -27.84 -21.15
C PRO C 96 12.39 -28.59 -20.64
N ARG C 97 13.43 -27.86 -20.24
CA ARG C 97 14.61 -28.45 -19.58
C ARG C 97 15.42 -27.35 -18.93
N TRP C 98 16.43 -27.73 -18.15
CA TRP C 98 17.24 -26.77 -17.38
C TRP C 98 18.56 -26.43 -18.01
N VAL C 99 19.08 -27.33 -18.84
CA VAL C 99 20.39 -27.14 -19.43
C VAL C 99 20.26 -26.93 -20.93
N PHE C 100 20.88 -25.87 -21.43
CA PHE C 100 20.87 -25.55 -22.85
C PHE C 100 22.31 -25.34 -23.27
N LYS C 101 22.59 -25.52 -24.56
CA LYS C 101 23.91 -25.16 -25.05
C LYS C 101 23.84 -23.86 -25.81
N GLU C 102 25.01 -23.22 -25.99
CA GLU C 102 25.09 -21.99 -26.76
C GLU C 102 24.28 -22.14 -28.05
N GLU C 103 23.52 -21.08 -28.36
CA GLU C 103 22.79 -20.93 -29.62
C GLU C 103 21.49 -21.73 -29.69
N ASP C 104 21.24 -22.56 -28.68
CA ASP C 104 19.94 -23.19 -28.53
C ASP C 104 18.87 -22.13 -28.22
N PRO C 105 17.65 -22.35 -28.71
CA PRO C 105 16.54 -21.52 -28.24
C PRO C 105 16.14 -21.86 -26.82
N ILE C 106 15.78 -20.84 -26.06
CA ILE C 106 15.27 -20.99 -24.70
C ILE C 106 13.84 -20.49 -24.67
N HIS C 107 12.92 -21.37 -24.30
CA HIS C 107 11.51 -21.05 -24.29
C HIS C 107 10.98 -21.31 -22.89
N LEU C 108 10.48 -20.27 -22.23
CA LEU C 108 9.95 -20.37 -20.88
C LEU C 108 8.51 -19.90 -20.85
N ARG C 109 7.73 -20.47 -19.94
CA ARG C 109 6.32 -20.20 -19.86
C ARG C 109 5.96 -19.83 -18.43
N CYS C 110 5.30 -18.68 -18.26
CA CYS C 110 4.84 -18.27 -16.95
C CYS C 110 3.43 -18.83 -16.77
N HIS C 111 3.34 -20.07 -16.31
CA HIS C 111 2.06 -20.73 -16.25
C HIS C 111 1.30 -20.21 -15.08
N SER C 112 0.05 -19.78 -15.30
CA SER C 112 -0.77 -19.37 -14.15
C SER C 112 -1.81 -20.40 -13.74
N TRP C 113 -2.16 -20.36 -12.47
CA TRP C 113 -3.19 -21.20 -11.91
C TRP C 113 -4.45 -21.09 -12.72
N LYS C 114 -4.94 -22.23 -13.20
CA LYS C 114 -6.12 -22.31 -14.07
C LYS C 114 -6.00 -21.52 -15.37
N ASN C 115 -4.77 -21.19 -15.78
CA ASN C 115 -4.58 -20.34 -16.97
C ASN C 115 -5.28 -18.98 -16.80
N THR C 116 -5.39 -18.52 -15.57
CA THR C 116 -6.01 -17.24 -15.31
C THR C 116 -5.24 -16.14 -16.02
N ALA C 117 -5.97 -15.26 -16.70
CA ALA C 117 -5.40 -14.09 -17.38
C ALA C 117 -4.47 -13.31 -16.44
N LEU C 118 -3.31 -12.96 -16.95
CA LEU C 118 -2.27 -12.31 -16.17
C LEU C 118 -1.73 -11.13 -16.97
N HIS C 119 -1.63 -9.96 -16.32
CA HIS C 119 -1.20 -8.74 -16.98
C HIS C 119 0.09 -8.22 -16.42
N LYS C 120 0.78 -7.39 -17.20
CA LYS C 120 2.01 -6.76 -16.76
C LYS C 120 2.98 -7.78 -16.18
N VAL C 121 3.43 -8.68 -17.04
CA VAL C 121 4.23 -9.84 -16.67
C VAL C 121 5.71 -9.56 -16.89
N THR C 122 6.54 -9.80 -15.87
CA THR C 122 8.00 -9.74 -16.01
C THR C 122 8.65 -11.09 -15.75
N TYR C 123 9.68 -11.37 -16.55
CA TYR C 123 10.58 -12.49 -16.36
C TYR C 123 11.86 -11.91 -15.88
N LEU C 124 12.24 -12.27 -14.66
CA LEU C 124 13.43 -11.74 -14.05
C LEU C 124 14.58 -12.74 -14.13
N GLN C 125 15.78 -12.23 -14.36
CA GLN C 125 16.98 -13.06 -14.38
C GLN C 125 17.90 -12.47 -13.32
N ASN C 126 18.34 -13.33 -12.39
CA ASN C 126 19.19 -12.87 -11.29
C ASN C 126 18.63 -11.61 -10.59
N GLY C 127 17.31 -11.54 -10.44
CA GLY C 127 16.66 -10.50 -9.67
C GLY C 127 16.48 -9.17 -10.40
N LYS C 128 16.93 -9.10 -11.66
CA LYS C 128 16.75 -7.92 -12.50
C LYS C 128 15.77 -8.25 -13.63
N GLY C 129 14.93 -7.29 -14.00
CA GLY C 129 13.95 -7.51 -15.05
C GLY C 129 14.65 -7.89 -16.33
N ARG C 130 14.17 -8.95 -16.98
CA ARG C 130 14.77 -9.40 -18.23
C ARG C 130 13.85 -9.13 -19.40
N LYS C 131 12.57 -9.44 -19.27
CA LYS C 131 11.59 -9.14 -20.31
C LYS C 131 10.23 -8.85 -19.68
N TYR C 132 9.56 -7.82 -20.18
CA TYR C 132 8.24 -7.37 -19.71
C TYR C 132 7.26 -7.51 -20.87
N PHE C 133 6.04 -7.99 -20.57
CA PHE C 133 4.96 -8.10 -21.55
C PHE C 133 3.69 -7.53 -20.92
N HIS C 134 2.85 -6.86 -21.71
CA HIS C 134 1.63 -6.27 -21.17
C HIS C 134 0.64 -7.31 -20.75
N HIS C 135 0.65 -8.44 -21.47
CA HIS C 135 -0.21 -9.58 -21.17
C HIS C 135 0.64 -10.80 -21.10
N ASN C 136 0.16 -11.87 -20.46
CA ASN C 136 0.97 -13.06 -20.33
C ASN C 136 1.40 -13.57 -21.68
N SER C 137 2.67 -13.89 -21.80
CA SER C 137 3.28 -14.23 -23.06
C SER C 137 4.55 -15.01 -22.72
N ASP C 138 4.93 -15.96 -23.58
CA ASP C 138 6.09 -16.79 -23.30
C ASP C 138 7.40 -16.06 -23.54
N PHE C 139 8.39 -16.35 -22.73
CA PHE C 139 9.71 -15.75 -22.86
C PHE C 139 10.50 -16.57 -23.91
N TYR C 140 11.08 -15.87 -24.87
CA TYR C 140 11.88 -16.47 -25.97
C TYR C 140 13.24 -15.84 -26.14
N ILE C 141 14.29 -16.61 -25.87
CA ILE C 141 15.63 -16.28 -26.36
C ILE C 141 15.92 -17.19 -27.56
N PRO C 142 16.14 -16.60 -28.75
CA PRO C 142 16.28 -17.43 -29.95
C PRO C 142 17.62 -18.15 -30.04
N LYS C 143 18.70 -17.45 -29.69
CA LYS C 143 20.03 -18.04 -29.62
C LYS C 143 20.66 -17.79 -28.25
N ALA C 144 20.76 -18.86 -27.46
CA ALA C 144 21.24 -18.77 -26.08
C ALA C 144 22.72 -18.43 -26.04
N THR C 145 23.11 -17.57 -25.10
CA THR C 145 24.53 -17.24 -24.89
C THR C 145 24.86 -17.50 -23.43
N LEU C 146 26.15 -17.50 -23.11
CA LEU C 146 26.59 -17.82 -21.74
C LEU C 146 25.94 -16.93 -20.69
N LYS C 147 25.75 -15.67 -21.04
CA LYS C 147 25.17 -14.69 -20.12
C LYS C 147 23.68 -14.90 -19.79
N ASP C 148 23.03 -15.85 -20.45
CA ASP C 148 21.63 -16.11 -20.18
C ASP C 148 21.45 -17.07 -19.02
N SER C 149 22.55 -17.63 -18.54
CA SER C 149 22.43 -18.54 -17.41
C SER C 149 22.03 -17.76 -16.14
N GLY C 150 21.43 -18.45 -15.18
CA GLY C 150 21.12 -17.80 -13.93
C GLY C 150 19.77 -18.19 -13.35
N SER C 151 19.38 -17.44 -12.34
CA SER C 151 18.16 -17.72 -11.60
C SER C 151 17.01 -16.98 -12.25
N TYR C 152 15.93 -17.68 -12.57
CA TYR C 152 14.80 -17.03 -13.25
C TYR C 152 13.50 -17.20 -12.48
N PHE C 153 12.70 -16.14 -12.36
CA PHE C 153 11.31 -16.29 -11.96
C PHE C 153 10.43 -15.34 -12.76
N CYS C 154 9.11 -15.49 -12.63
CA CYS C 154 8.21 -14.57 -13.30
C CYS C 154 7.22 -14.02 -12.29
N ARG C 155 6.63 -12.89 -12.62
CA ARG C 155 5.59 -12.33 -11.81
C ARG C 155 4.63 -11.50 -12.65
N GLY C 156 3.48 -11.17 -12.10
CA GLY C 156 2.54 -10.32 -12.80
C GLY C 156 1.35 -9.96 -11.94
N LEU C 157 0.35 -9.37 -12.59
CA LEU C 157 -0.89 -8.99 -11.95
C LEU C 157 -2.05 -9.94 -12.32
N VAL C 158 -2.71 -10.49 -11.30
CA VAL C 158 -3.97 -11.19 -11.48
C VAL C 158 -4.95 -10.42 -10.65
N GLY C 159 -5.96 -9.87 -11.32
CA GLY C 159 -6.82 -8.91 -10.66
C GLY C 159 -5.96 -7.81 -10.08
N SER C 160 -6.07 -7.59 -8.78
CA SER C 160 -5.28 -6.57 -8.10
C SER C 160 -4.00 -7.14 -7.44
N LYS C 161 -3.86 -8.47 -7.45
CA LYS C 161 -2.76 -9.14 -6.76
C LYS C 161 -1.47 -9.20 -7.56
N ASN C 162 -0.40 -8.79 -6.90
CA ASN C 162 0.94 -8.89 -7.43
C ASN C 162 1.44 -10.26 -7.00
N VAL C 163 1.65 -11.15 -7.96
CA VAL C 163 2.05 -12.52 -7.62
C VAL C 163 3.33 -12.94 -8.34
N SER C 164 4.01 -13.94 -7.79
CA SER C 164 5.27 -14.37 -8.39
C SER C 164 5.53 -15.87 -8.26
N SER C 165 6.28 -16.39 -9.23
CA SER C 165 6.62 -17.79 -9.24
C SER C 165 7.87 -18.04 -8.42
N GLU C 166 8.01 -19.28 -7.98
CA GLU C 166 9.26 -19.82 -7.49
C GLU C 166 10.38 -19.66 -8.53
N THR C 167 11.59 -19.65 -8.03
CA THR C 167 12.78 -19.50 -8.81
C THR C 167 13.17 -20.82 -9.51
N VAL C 168 13.76 -20.74 -10.71
CA VAL C 168 14.41 -21.92 -11.32
C VAL C 168 15.81 -21.55 -11.81
N GLN C 169 16.73 -22.52 -11.87
CA GLN C 169 18.09 -22.28 -12.36
C GLN C 169 18.19 -22.74 -13.80
N ILE C 170 18.64 -21.85 -14.66
CA ILE C 170 18.90 -22.20 -16.05
C ILE C 170 20.39 -22.10 -16.34
N THR C 171 20.92 -23.10 -17.05
CA THR C 171 22.33 -23.17 -17.36
C THR C 171 22.56 -23.17 -18.85
N ILE C 172 23.52 -22.38 -19.31
CA ILE C 172 23.98 -22.47 -20.70
C ILE C 172 25.43 -22.94 -20.71
N THR C 173 25.69 -23.99 -21.49
CA THR C 173 27.03 -24.60 -21.54
C THR C 173 27.78 -24.31 -22.85
N GLN C 174 29.12 -24.31 -22.78
CA GLN C 174 30.00 -23.89 -23.86
C GLN C 174 30.37 -25.01 -24.82
C1 NAG D . 8.60 -0.87 -12.76
C2 NAG D . 7.15 -1.06 -12.30
C3 NAG D . 6.39 0.26 -12.22
C4 NAG D . 7.15 1.29 -11.41
C5 NAG D . 8.50 1.41 -12.10
C6 NAG D . 9.37 2.55 -11.57
C7 NAG D . 6.48 -3.26 -13.07
C8 NAG D . 5.81 -4.06 -14.15
N2 NAG D . 6.54 -1.94 -13.28
O3 NAG D . 5.13 -0.01 -11.65
O4 NAG D . 6.53 2.55 -11.48
O5 NAG D . 9.21 0.17 -12.03
O6 NAG D . 10.46 2.06 -10.81
O7 NAG D . 6.91 -3.79 -12.04
C1 NAG D . 5.64 2.88 -10.39
C2 NAG D . 5.66 4.38 -10.16
C3 NAG D . 4.58 4.80 -9.17
C4 NAG D . 3.22 4.22 -9.55
C5 NAG D . 3.36 2.73 -9.82
C6 NAG D . 2.05 2.14 -10.35
C7 NAG D . 7.69 5.69 -10.47
C8 NAG D . 9.05 6.06 -9.93
N2 NAG D . 6.98 4.84 -9.74
O3 NAG D . 4.50 6.20 -9.12
O4 NAG D . 2.36 4.30 -8.44
O5 NAG D . 4.35 2.51 -10.78
O6 NAG D . 2.23 0.74 -10.49
O7 NAG D . 7.30 6.17 -11.54
C1 BMA D . 1.60 5.47 -8.35
C2 BMA D . 0.29 5.09 -7.72
C3 BMA D . -0.53 6.31 -7.36
C4 BMA D . 0.30 7.31 -6.55
C5 BMA D . 1.64 7.59 -7.22
C6 BMA D . 2.52 8.47 -6.36
O2 BMA D . 0.65 4.44 -6.50
O3 BMA D . -1.63 5.93 -6.55
O4 BMA D . -0.42 8.54 -6.47
O5 BMA D . 2.32 6.36 -7.50
O6 BMA D . 3.79 8.48 -6.98
C1 MAN D . -2.87 6.22 -7.20
C2 MAN D . -4.00 6.09 -6.17
C3 MAN D . -4.14 4.64 -5.71
C4 MAN D . -4.35 3.76 -6.95
C5 MAN D . -3.16 3.98 -7.90
C6 MAN D . -3.19 3.08 -9.13
O2 MAN D . -5.28 6.35 -6.72
O3 MAN D . -5.23 4.54 -4.84
O4 MAN D . -4.48 2.41 -6.59
O5 MAN D . -3.08 5.36 -8.29
O6 MAN D . -1.94 2.41 -9.17
C1 NAG D . -5.44 7.71 -7.15
C2 NAG D . -6.29 7.69 -8.43
C3 NAG D . -6.42 9.12 -8.93
C4 NAG D . -7.01 9.99 -7.82
C5 NAG D . -6.17 9.88 -6.54
C6 NAG D . -6.77 10.67 -5.39
C7 NAG D . -6.13 5.59 -9.74
C8 NAG D . -7.36 5.07 -9.06
N2 NAG D . -5.68 6.81 -9.41
O3 NAG D . -7.19 9.19 -10.12
O4 NAG D . -7.06 11.34 -8.25
O5 NAG D . -6.02 8.53 -6.15
O6 NAG D . -7.62 9.83 -4.64
O7 NAG D . -5.57 4.88 -10.59
C1 MAN D . 4.61 9.52 -6.45
C2 MAN D . 5.72 9.81 -7.44
C3 MAN D . 6.68 8.62 -7.53
C4 MAN D . 7.15 8.18 -6.13
C5 MAN D . 5.93 7.94 -5.25
C6 MAN D . 6.33 7.51 -3.84
O2 MAN D . 6.50 10.90 -6.98
O3 MAN D . 7.82 8.99 -8.26
O4 MAN D . 7.92 7.01 -6.19
O5 MAN D . 5.15 9.14 -5.21
O6 MAN D . 5.27 7.79 -2.97
C1 NAG D . 6.04 12.20 -7.40
C2 NAG D . 6.34 13.22 -6.29
C3 NAG D . 5.85 14.60 -6.70
C4 NAG D . 6.45 15.00 -8.04
C5 NAG D . 6.16 13.93 -9.09
C6 NAG D . 6.84 14.31 -10.39
C7 NAG D . 6.32 12.29 -4.01
C8 NAG D . 5.45 12.04 -2.81
N2 NAG D . 5.69 12.88 -5.03
O3 NAG D . 6.26 15.51 -5.71
O4 NAG D . 5.88 16.22 -8.44
O5 NAG D . 6.61 12.65 -8.64
O6 NAG D . 7.84 13.36 -10.68
O7 NAG D . 7.52 11.93 -4.02
C1 FUC D . 10.29 2.60 -9.50
C2 FUC D . 11.57 2.44 -8.69
C3 FUC D . 11.29 2.57 -7.19
C4 FUC D . 9.91 3.12 -6.76
C5 FUC D . 8.77 2.92 -7.77
C6 FUC D . 7.46 2.43 -7.15
O2 FUC D . 12.57 3.35 -9.12
O3 FUC D . 11.40 1.27 -6.68
O4 FUC D . 9.56 2.58 -5.50
O5 FUC D . 9.20 2.04 -8.79
C1 NAG E . -16.46 -4.09 -3.76
C2 NAG E . -14.99 -3.73 -3.98
C3 NAG E . -14.14 -4.00 -2.75
C4 NAG E . -14.68 -3.21 -1.58
C5 NAG E . -16.14 -3.70 -1.42
C6 NAG E . -16.85 -3.17 -0.15
C7 NAG E . -14.31 -4.19 -6.29
C8 NAG E . -13.69 -5.20 -7.20
N2 NAG E . -14.43 -4.56 -5.02
O3 NAG E . -12.81 -3.66 -3.05
O4 NAG E . -13.98 -3.46 -0.36
O5 NAG E . -16.93 -3.48 -2.57
O6 NAG E . -16.99 -1.77 -0.14
O7 NAG E . -14.68 -3.10 -6.74
C1 NAG E . -12.92 -2.53 -0.09
C2 NAG E . -12.72 -2.44 1.44
C3 NAG E . -11.49 -1.61 1.76
C4 NAG E . -10.28 -2.07 0.95
C5 NAG E . -10.58 -2.17 -0.54
C6 NAG E . -9.39 -2.80 -1.26
C7 NAG E . -14.62 -2.62 3.03
C8 NAG E . -15.83 -1.93 3.60
N2 NAG E . -13.89 -1.94 2.12
O3 NAG E . -11.25 -1.70 3.15
O4 NAG E . -9.21 -1.14 1.02
O5 NAG E . -11.75 -2.94 -0.78
O6 NAG E . -9.71 -2.98 -2.61
O7 NAG E . -14.36 -3.76 3.43
C1 BMA E . -8.42 -1.30 2.18
C2 BMA E . -6.96 -1.10 1.79
C3 BMA E . -6.10 -1.07 3.05
C4 BMA E . -6.55 0.04 3.98
C5 BMA E . -7.98 -0.34 4.33
C6 BMA E . -8.56 0.56 5.40
O2 BMA E . -6.82 0.11 1.05
O3 BMA E . -4.66 -1.20 2.86
O4 BMA E . -5.77 -0.05 5.18
O5 BMA E . -8.85 -0.37 3.18
O6 BMA E . -9.87 0.03 5.66
C1 MAN E . -3.98 -0.19 2.22
C2 MAN E . -2.49 -0.32 2.47
C3 MAN E . -1.81 0.10 1.19
C4 MAN E . -2.28 -0.78 0.02
C5 MAN E . -3.73 -1.26 0.12
C6 MAN E . -3.87 -2.67 -0.44
O2 MAN E . -2.25 -1.71 2.63
O3 MAN E . -0.41 0.03 1.36
O4 MAN E . -2.16 -0.03 -1.18
O5 MAN E . -4.27 -1.26 1.44
O6 MAN E . -4.97 -2.72 -1.32
C1 NAG E . -1.26 -2.08 3.60
C2 NAG E . -0.70 -3.46 3.31
C3 NAG E . -0.18 -3.92 4.65
C4 NAG E . 0.81 -2.90 5.26
C5 NAG E . 0.82 -1.48 4.66
C6 NAG E . 2.19 -1.19 4.03
C7 NAG E . -1.73 -4.83 1.49
C8 NAG E . -2.78 -5.83 1.11
N2 NAG E . -1.67 -4.42 2.78
O3 NAG E . 0.42 -5.20 4.54
O4 NAG E . 0.51 -2.77 6.63
O5 NAG E . -0.17 -1.17 3.69
O6 NAG E . 2.72 -0.04 4.68
O7 NAG E . -0.98 -4.43 0.61
C1 MAN E . -10.49 0.79 6.69
C2 MAN E . -11.79 0.05 7.01
C3 MAN E . -12.81 0.25 5.91
C4 MAN E . -12.97 1.75 5.63
C5 MAN E . -11.61 2.29 5.21
C6 MAN E . -11.71 3.73 4.71
O2 MAN E . -12.37 0.57 8.18
O3 MAN E . -14.05 -0.27 6.32
O4 MAN E . -13.92 1.96 4.62
O5 MAN E . -10.71 2.15 6.30
O6 MAN E . -10.87 4.54 5.49
C1 NAG E . -11.86 -0.02 9.37
C2 NAG E . -12.24 0.94 10.48
C3 NAG E . -11.55 0.51 11.76
C4 NAG E . -12.18 -0.84 12.11
C5 NAG E . -12.08 -1.83 10.95
C6 NAG E . -12.94 -3.06 11.26
C7 NAG E . -11.18 3.11 9.81
C8 NAG E . -11.52 4.51 9.39
N2 NAG E . -12.23 2.34 10.06
O3 NAG E . -11.85 1.42 12.79
O4 NAG E . -11.60 -1.42 13.24
O5 NAG E . -12.48 -1.25 9.71
O6 NAG E . -13.99 -3.21 10.34
O7 NAG E . -10.02 2.72 9.95
C1 FUC E . -17.53 -0.68 0.44
C2 FUC E . -16.79 0.65 0.54
C3 FUC E . -16.76 1.49 -0.75
C4 FUC E . -17.48 0.94 -2.00
C5 FUC E . -18.11 -0.45 -1.79
C6 FUC E . -19.15 -0.90 -2.82
O2 FUC E . -15.44 0.47 0.96
O3 FUC E . -17.31 2.75 -0.43
O4 FUC E . -18.45 1.87 -2.41
O5 FUC E . -18.60 -0.54 -0.45
C1 NAG F . 5.07 -6.52 -8.04
C2 NAG F . 5.18 -5.07 -8.47
C3 NAG F . 6.68 -4.83 -8.48
C4 NAG F . 7.27 -5.24 -7.12
C5 NAG F . 6.62 -6.49 -6.48
C6 NAG F . 6.90 -6.48 -4.99
C7 NAG F . 4.48 -5.73 -10.82
C8 NAG F . 3.62 -5.31 -11.99
N2 NAG F . 4.48 -4.90 -9.75
O3 NAG F . 6.98 -3.48 -8.74
O4 NAG F . 8.65 -5.51 -7.28
O5 NAG F . 5.21 -6.58 -6.72
O6 NAG F . 8.24 -6.88 -4.81
O7 NAG F . 5.14 -6.79 -10.90
C1 NAG F . 9.45 -4.51 -6.61
C2 NAG F . 10.90 -4.97 -6.48
C3 NAG F . 11.72 -3.89 -5.78
C4 NAG F . 11.41 -2.45 -6.20
C5 NAG F . 9.95 -2.20 -6.62
C6 NAG F . 9.85 -1.00 -7.57
C7 NAG F . 11.64 -7.31 -6.23
C8 NAG F . 11.68 -8.55 -5.38
N2 NAG F . 11.01 -6.23 -5.75
O3 NAG F . 13.07 -4.08 -6.12
O4 NAG F . 11.80 -1.59 -5.15
O5 NAG F . 9.44 -3.31 -7.32
O6 NAG F . 8.52 -0.71 -7.95
O7 NAG F . 12.17 -7.33 -7.34
C1 BMA F . 12.94 -0.80 -5.60
C2 BMA F . 13.40 0.24 -4.57
C3 BMA F . 14.41 1.15 -5.28
C4 BMA F . 15.58 0.33 -5.84
C5 BMA F . 15.08 -0.81 -6.74
C6 BMA F . 16.13 -1.86 -7.10
O2 BMA F . 14.01 -0.38 -3.43
O3 BMA F . 14.83 2.21 -4.41
O4 BMA F . 16.46 1.20 -6.55
O5 BMA F . 14.06 -1.57 -6.08
O6 BMA F . 17.29 -1.31 -7.73
C1 MAN F . 14.66 3.49 -5.08
C2 MAN F . 14.07 4.54 -4.10
C3 MAN F . 14.62 5.97 -4.23
C4 MAN F . 16.03 6.03 -4.79
C5 MAN F . 16.08 5.20 -6.08
C6 MAN F . 17.41 5.34 -6.81
O2 MAN F . 14.23 4.11 -2.75
O3 MAN F . 14.59 6.63 -2.98
O4 MAN F . 16.41 7.36 -5.03
O5 MAN F . 15.87 3.84 -5.76
O6 MAN F . 17.37 6.49 -7.62
C1 MAN F . 18.50 -1.52 -6.94
C2 MAN F . 18.37 -2.57 -5.84
C3 MAN F . 19.57 -2.46 -4.89
C4 MAN F . 20.83 -1.84 -5.52
C5 MAN F . 20.88 -1.79 -7.07
C6 MAN F . 21.75 -2.91 -7.60
O2 MAN F . 18.27 -3.85 -6.39
O3 MAN F . 19.87 -3.73 -4.32
O4 MAN F . 21.01 -0.53 -5.01
O5 MAN F . 19.63 -1.84 -7.74
O6 MAN F . 22.83 -2.38 -8.34
C1 NAG G . 3.42 -39.42 -3.35
C2 NAG G . 2.40 -38.88 -2.33
C3 NAG G . 2.65 -37.38 -2.27
C4 NAG G . 4.07 -37.16 -1.81
C5 NAG G . 5.02 -38.14 -2.59
C6 NAG G . 6.42 -38.03 -2.00
C7 NAG G . 0.50 -40.34 -2.27
C8 NAG G . -0.91 -40.62 -2.67
N2 NAG G . 1.04 -39.21 -2.70
O3 NAG G . 1.76 -36.76 -1.38
O4 NAG G . 4.37 -35.79 -2.02
O5 NAG G . 4.58 -39.53 -2.72
O6 NAG G . 7.20 -37.27 -2.88
O7 NAG G . 1.12 -41.13 -1.55
C1 NAG G . 4.26 -34.86 -0.89
C2 NAG G . 4.97 -33.54 -1.23
C3 NAG G . 4.94 -32.53 -0.07
C4 NAG G . 3.51 -32.30 0.36
C5 NAG G . 2.87 -33.64 0.68
C6 NAG G . 1.42 -33.39 1.05
C7 NAG G . 6.72 -33.50 -2.92
C8 NAG G . 8.17 -33.71 -3.26
N2 NAG G . 6.36 -33.71 -1.67
O3 NAG G . 5.42 -31.30 -0.53
O4 NAG G . 3.44 -31.34 1.41
O5 NAG G . 2.94 -34.55 -0.44
O6 NAG G . 0.68 -34.49 0.59
O7 NAG G . 5.93 -33.15 -3.79
C1 MLI H . 3.72 36.49 -3.96
C2 MLI H . 4.86 36.06 -4.88
C3 MLI H . 2.41 36.70 -4.72
O6 MLI H . 4.61 35.92 -6.10
O7 MLI H . 6.01 35.87 -4.42
O8 MLI H . 2.32 36.42 -5.94
O9 MLI H . 1.42 37.13 -4.08
#